data_4C70
#
_entry.id   4C70
#
_cell.length_a   74.450
_cell.length_b   89.470
_cell.length_c   183.300
_cell.angle_alpha   90.00
_cell.angle_beta   90.00
_cell.angle_gamma   90.00
#
_symmetry.space_group_name_H-M   'P 21 21 21'
#
loop_
_entity.id
_entity.type
_entity.pdbx_description
1 polymer '3-OXOACYL-[ACYL-CARRIER-PROTEIN] SYNTHASE 1'
2 non-polymer GLYCEROL
3 non-polymer 'ISOPROPYL ALCOHOL'
4 non-polymer 'POTASSIUM ION'
5 non-polymer (5R)-4-hydroxy-5-methyl-5-[(1E)-2-methylbuta-1,3-dien-1-yl]-3-propylthiophen-2(5H)-one
6 non-polymer '(2R)-2-(hexadecanoyloxy)-3-{[(10R)-10-methyloctadecanoyl]oxy}propyl phosphate'
7 water water
#
_entity_poly.entity_id   1
_entity_poly.type   'polypeptide(L)'
_entity_poly.pdbx_seq_one_letter_code
;MGSSHHHHHHSSGLVPRGSHMASMSQPSTANGGFPSVVVTAVTATTSISPDIESTWKGLLAGESGIHALEDEFVTKWDLA
VKIGGHLKDPVDSHMGRLDMRRMSYVQRMGKLLGGQLWESAGSPEVDPDRFAVVVGTGLGGAERIVESYDLMNAGGPRKV
SPLAVQMIMPNGAAAVIGLQLGARAGVMTPVSAQSSGSEAIAHAWRQIVMGDADVAVCGGVEGPIEALPIAAFSMMRAMS
TRNDEPERASRPFDKDRDGFVFGEAGALMLIETEEHAKARGAKPLARLLGAGITSDAFHMVAPAADGVRAGRAMTRSLEL
AGLSPADIDHVNAHGTATPIGDAAEANAIRVAGCDQAAVYAPKSALGHSIGAVGALESVLTVLTLRDGVIPPTLNYETPD
PEIDLDVVAGEPRYGDYRYAVNNSFGFGGHNVALAFGRY
;
_entity_poly.pdbx_strand_id   A,B
#
# COMPACT_ATOMS: atom_id res chain seq x y z
N SER A 25 1.44 -15.77 -28.01
CA SER A 25 2.63 -15.91 -27.11
C SER A 25 2.79 -14.69 -26.16
N GLN A 26 2.64 -14.97 -24.86
CA GLN A 26 2.64 -13.97 -23.82
C GLN A 26 4.05 -13.39 -23.67
N PRO A 27 4.19 -12.07 -23.41
CA PRO A 27 5.54 -11.66 -23.01
C PRO A 27 6.06 -12.36 -21.74
N SER A 28 7.37 -12.60 -21.73
CA SER A 28 8.08 -13.19 -20.60
C SER A 28 9.45 -12.48 -20.59
N THR A 29 10.21 -12.62 -19.51
CA THR A 29 11.58 -12.13 -19.54
C THR A 29 12.44 -12.95 -20.53
N ALA A 30 12.28 -14.27 -20.49
CA ALA A 30 13.03 -15.19 -21.39
C ALA A 30 12.81 -14.94 -22.86
N ASN A 31 11.59 -14.58 -23.25
CA ASN A 31 11.38 -14.31 -24.67
C ASN A 31 11.56 -12.85 -25.10
N GLY A 32 12.02 -11.99 -24.19
CA GLY A 32 12.39 -10.64 -24.54
C GLY A 32 11.16 -9.74 -24.56
N GLY A 33 9.99 -10.24 -24.16
CA GLY A 33 8.80 -9.41 -24.19
C GLY A 33 8.78 -8.45 -23.02
N PHE A 34 9.54 -8.75 -21.98
CA PHE A 34 9.84 -7.77 -20.94
C PHE A 34 11.32 -7.40 -20.98
N PRO A 35 11.68 -6.17 -20.58
CA PRO A 35 13.12 -5.85 -20.53
C PRO A 35 13.79 -6.62 -19.38
N SER A 36 15.07 -6.92 -19.56
CA SER A 36 15.88 -7.58 -18.53
C SER A 36 16.10 -6.60 -17.38
N VAL A 37 15.88 -7.06 -16.16
CA VAL A 37 16.01 -6.21 -14.97
C VAL A 37 17.02 -6.87 -14.03
N VAL A 38 17.98 -6.12 -13.51
CA VAL A 38 19.02 -6.72 -12.72
C VAL A 38 19.08 -6.04 -11.36
N VAL A 39 19.51 -6.78 -10.34
CA VAL A 39 19.71 -6.20 -9.00
C VAL A 39 21.18 -5.71 -8.93
N THR A 40 21.42 -4.47 -8.56
CA THR A 40 22.78 -3.92 -8.69
C THR A 40 23.33 -3.49 -7.35
N ALA A 41 22.49 -3.44 -6.32
CA ALA A 41 23.00 -3.09 -4.98
C ALA A 41 22.02 -3.59 -3.93
N VAL A 42 22.52 -3.92 -2.74
CA VAL A 42 21.63 -4.39 -1.67
C VAL A 42 22.10 -3.75 -0.37
N THR A 43 21.18 -3.54 0.57
CA THR A 43 21.57 -3.09 1.89
C THR A 43 20.58 -3.69 2.91
N ALA A 44 21.02 -4.02 4.13
CA ALA A 44 20.05 -4.50 5.12
C ALA A 44 20.63 -4.23 6.50
N THR A 45 19.74 -4.03 7.46
CA THR A 45 20.19 -4.02 8.84
C THR A 45 19.46 -5.16 9.57
N THR A 46 20.20 -5.98 10.32
CA THR A 46 19.59 -7.16 10.95
C THR A 46 19.99 -7.35 12.40
N SER A 47 19.39 -8.37 13.03
CA SER A 47 19.83 -8.80 14.36
C SER A 47 21.27 -9.30 14.40
N ILE A 48 21.83 -9.75 13.26
CA ILE A 48 23.25 -10.21 13.26
C ILE A 48 24.22 -9.06 13.03
N SER A 49 23.87 -8.12 12.16
CA SER A 49 24.84 -7.07 11.79
C SER A 49 24.16 -5.95 11.06
N PRO A 50 24.68 -4.70 11.13
CA PRO A 50 24.20 -3.66 10.20
C PRO A 50 24.75 -3.81 8.79
N ASP A 51 25.70 -4.73 8.57
CA ASP A 51 26.39 -4.90 7.26
CA ASP A 51 26.33 -4.86 7.25
C ASP A 51 25.85 -6.17 6.64
N ILE A 52 25.19 -6.08 5.48
CA ILE A 52 24.57 -7.28 4.88
C ILE A 52 25.63 -8.37 4.58
N GLU A 53 26.84 -8.01 4.14
CA GLU A 53 27.88 -9.00 3.88
C GLU A 53 28.29 -9.73 5.17
N SER A 54 28.21 -9.05 6.32
CA SER A 54 28.53 -9.72 7.60
C SER A 54 27.36 -10.53 8.10
N THR A 55 26.15 -10.02 7.90
CA THR A 55 24.95 -10.87 8.11
C THR A 55 25.09 -12.19 7.34
N TRP A 56 25.47 -12.10 6.06
CA TRP A 56 25.51 -13.27 5.19
C TRP A 56 26.60 -14.24 5.66
N LYS A 57 27.79 -13.71 5.99
CA LYS A 57 28.84 -14.60 6.54
C LYS A 57 28.37 -15.25 7.84
N GLY A 58 27.70 -14.48 8.71
CA GLY A 58 27.25 -15.06 9.97
C GLY A 58 26.22 -16.15 9.74
N LEU A 59 25.29 -15.92 8.79
CA LEU A 59 24.28 -16.96 8.52
C LEU A 59 25.00 -18.25 8.06
N LEU A 60 25.97 -18.09 7.14
CA LEU A 60 26.66 -19.25 6.60
C LEU A 60 27.43 -20.01 7.68
N ALA A 61 27.88 -19.28 8.71
CA ALA A 61 28.57 -19.87 9.86
C ALA A 61 27.61 -20.40 10.94
N GLY A 62 26.30 -20.34 10.69
CA GLY A 62 25.32 -20.93 11.61
C GLY A 62 24.96 -20.01 12.77
N GLU A 63 25.20 -18.71 12.62
CA GLU A 63 24.88 -17.78 13.73
C GLU A 63 23.39 -17.47 13.72
N SER A 64 22.89 -17.19 14.91
CA SER A 64 21.52 -16.73 15.14
C SER A 64 21.56 -15.29 15.67
N GLY A 65 20.62 -14.46 15.24
CA GLY A 65 20.42 -13.13 15.84
C GLY A 65 19.42 -13.10 17.01
N ILE A 66 18.91 -14.25 17.45
CA ILE A 66 17.86 -14.27 18.47
C ILE A 66 18.49 -14.37 19.87
N HIS A 67 18.01 -13.60 20.84
CA HIS A 67 18.59 -13.44 22.19
CA HIS A 67 18.56 -13.72 22.19
C HIS A 67 17.46 -13.40 23.22
N ALA A 68 17.79 -13.59 24.49
CA ALA A 68 16.86 -13.15 25.51
C ALA A 68 16.63 -11.62 25.44
N LEU A 69 15.38 -11.16 25.54
CA LEU A 69 15.10 -9.72 25.56
C LEU A 69 15.47 -9.14 26.91
N GLU A 70 16.29 -8.10 26.93
CA GLU A 70 16.68 -7.52 28.22
CA GLU A 70 16.71 -7.48 28.19
C GLU A 70 15.88 -6.26 28.50
N ASP A 71 14.98 -5.89 27.58
CA ASP A 71 14.21 -4.67 27.77
C ASP A 71 13.44 -4.63 29.09
N GLU A 72 13.38 -3.45 29.69
CA GLU A 72 12.58 -3.17 30.87
CA GLU A 72 12.63 -3.41 30.94
C GLU A 72 11.13 -3.61 30.68
N PHE A 73 10.63 -3.42 29.45
CA PHE A 73 9.20 -3.63 29.24
C PHE A 73 8.84 -5.10 29.44
N VAL A 74 9.82 -5.99 29.23
CA VAL A 74 9.54 -7.41 29.42
C VAL A 74 9.20 -7.72 30.88
N THR A 75 9.96 -7.16 31.83
CA THR A 75 9.75 -7.36 33.25
CA THR A 75 9.69 -7.42 33.23
C THR A 75 8.56 -6.53 33.73
N LYS A 76 8.41 -5.34 33.15
CA LYS A 76 7.29 -4.50 33.55
C LYS A 76 5.98 -5.25 33.39
N TRP A 77 5.79 -5.86 32.22
CA TRP A 77 4.54 -6.54 31.90
C TRP A 77 4.58 -8.04 32.12
N ASP A 78 5.70 -8.59 32.57
CA ASP A 78 5.90 -10.06 32.64
C ASP A 78 5.44 -10.78 31.35
N LEU A 79 5.96 -10.36 30.20
CA LEU A 79 5.48 -10.89 28.92
C LEU A 79 5.77 -12.40 28.85
N ALA A 80 4.82 -13.16 28.30
CA ALA A 80 5.03 -14.58 28.07
C ALA A 80 6.16 -14.82 27.06
N VAL A 81 6.31 -13.90 26.12
CA VAL A 81 7.42 -14.01 25.18
C VAL A 81 8.56 -13.16 25.68
N LYS A 82 9.72 -13.79 25.80
CA LYS A 82 10.88 -13.10 26.38
C LYS A 82 12.13 -13.23 25.48
N ILE A 83 11.88 -13.42 24.20
CA ILE A 83 12.98 -13.67 23.22
C ILE A 83 12.70 -12.91 21.91
N GLY A 84 13.75 -12.67 21.16
CA GLY A 84 13.65 -11.86 19.94
C GLY A 84 15.02 -11.41 19.51
N GLY A 85 15.12 -10.85 18.30
CA GLY A 85 16.42 -10.30 17.82
C GLY A 85 16.30 -8.79 17.66
N HIS A 86 16.85 -7.96 18.56
CA HIS A 86 16.92 -6.52 18.24
C HIS A 86 18.00 -6.34 17.14
N LEU A 87 17.97 -5.23 16.42
CA LEU A 87 19.10 -4.93 15.52
C LEU A 87 20.41 -4.96 16.30
N LYS A 88 21.44 -5.54 15.68
CA LYS A 88 22.79 -5.45 16.21
C LYS A 88 23.19 -3.99 16.43
N ASP A 89 22.86 -3.16 15.44
CA ASP A 89 23.29 -1.75 15.45
C ASP A 89 22.06 -0.87 15.31
N PRO A 90 21.62 -0.29 16.41
CA PRO A 90 20.33 0.41 16.45
C PRO A 90 20.29 1.63 15.52
N VAL A 91 19.18 1.72 14.77
CA VAL A 91 18.96 2.81 13.82
C VAL A 91 19.28 4.18 14.44
N ASP A 92 18.76 4.44 15.65
CA ASP A 92 18.84 5.79 16.18
C ASP A 92 20.25 6.24 16.61
N SER A 93 21.20 5.30 16.64
CA SER A 93 22.59 5.72 16.85
CA SER A 93 22.60 5.68 16.83
C SER A 93 23.14 6.47 15.65
N HIS A 94 22.41 6.42 14.54
CA HIS A 94 22.84 7.12 13.34
C HIS A 94 21.99 8.34 13.05
N MET A 95 21.14 8.75 13.99
CA MET A 95 20.16 9.78 13.68
C MET A 95 20.52 11.05 14.43
N GLY A 96 20.34 12.19 13.79
CA GLY A 96 20.59 13.46 14.50
C GLY A 96 19.40 13.93 15.34
N ARG A 97 19.62 15.02 16.08
CA ARG A 97 18.64 15.57 16.97
C ARG A 97 17.33 15.88 16.24
N LEU A 98 17.42 16.42 15.02
CA LEU A 98 16.22 16.86 14.36
C LEU A 98 15.48 15.67 13.73
N ASP A 99 16.23 14.69 13.21
CA ASP A 99 15.62 13.45 12.72
C ASP A 99 14.75 12.81 13.79
N MET A 100 15.26 12.79 15.03
CA MET A 100 14.53 12.11 16.10
C MET A 100 13.21 12.84 16.40
N ARG A 101 13.10 14.11 16.02
CA ARG A 101 11.92 14.92 16.34
CA ARG A 101 11.89 14.87 16.35
C ARG A 101 10.99 15.13 15.14
N ARG A 102 11.42 14.72 13.96
CA ARG A 102 10.71 15.01 12.73
C ARG A 102 10.34 13.80 11.90
N MET A 103 10.76 12.61 12.32
CA MET A 103 10.45 11.41 11.56
C MET A 103 9.95 10.35 12.52
N SER A 104 9.09 9.47 12.07
CA SER A 104 8.81 8.26 12.84
C SER A 104 9.95 7.23 12.70
N TYR A 105 9.93 6.17 13.51
CA TYR A 105 11.02 5.20 13.45
C TYR A 105 11.20 4.57 12.04
N VAL A 106 10.11 4.17 11.38
CA VAL A 106 10.29 3.55 10.06
C VAL A 106 10.82 4.54 9.02
N GLN A 107 10.52 5.84 9.19
CA GLN A 107 11.14 6.84 8.35
C GLN A 107 12.63 6.96 8.64
N ARG A 108 13.05 6.92 9.92
CA ARG A 108 14.47 7.02 10.23
C ARG A 108 15.19 5.80 9.63
N MET A 109 14.57 4.62 9.76
CA MET A 109 15.19 3.43 9.22
C MET A 109 15.27 3.62 7.69
N GLY A 110 14.18 4.03 7.04
CA GLY A 110 14.21 4.34 5.60
C GLY A 110 15.30 5.29 5.14
N LYS A 111 15.50 6.40 5.86
CA LYS A 111 16.57 7.33 5.50
C LYS A 111 17.94 6.69 5.68
N LEU A 112 18.12 5.91 6.76
CA LEU A 112 19.44 5.29 6.97
C LEU A 112 19.75 4.33 5.81
N LEU A 113 18.84 3.39 5.56
CA LEU A 113 19.08 2.37 4.52
C LEU A 113 19.15 2.99 3.11
N GLY A 114 18.31 3.99 2.85
CA GLY A 114 18.35 4.67 1.55
C GLY A 114 19.73 5.24 1.27
N GLY A 115 20.32 5.95 2.25
CA GLY A 115 21.65 6.50 2.01
C GLY A 115 22.75 5.45 1.87
N GLN A 116 22.68 4.41 2.70
CA GLN A 116 23.61 3.29 2.59
C GLN A 116 23.55 2.60 1.22
N LEU A 117 22.33 2.30 0.79
CA LEU A 117 22.17 1.68 -0.52
C LEU A 117 22.77 2.54 -1.62
N TRP A 118 22.44 3.84 -1.60
CA TRP A 118 22.93 4.69 -2.69
C TRP A 118 24.46 4.74 -2.73
N GLU A 119 25.08 4.86 -1.57
CA GLU A 119 26.54 4.81 -1.52
C GLU A 119 27.09 3.47 -2.04
N SER A 120 26.46 2.36 -1.65
CA SER A 120 26.84 1.03 -2.14
C SER A 120 26.73 0.89 -3.64
N ALA A 121 25.78 1.60 -4.25
CA ALA A 121 25.63 1.61 -5.69
C ALA A 121 26.58 2.54 -6.45
N GLY A 122 27.44 3.23 -5.70
CA GLY A 122 28.42 4.14 -6.34
C GLY A 122 27.86 5.55 -6.50
N SER A 123 26.83 5.90 -5.72
CA SER A 123 26.18 7.21 -5.70
C SER A 123 25.83 7.68 -7.11
N PRO A 124 25.17 6.82 -7.92
CA PRO A 124 25.00 7.19 -9.33
C PRO A 124 24.11 8.43 -9.57
N GLU A 125 24.37 9.18 -10.65
CA GLU A 125 23.49 10.27 -11.06
C GLU A 125 22.54 9.67 -12.08
N VAL A 126 21.28 9.47 -11.69
CA VAL A 126 20.32 8.84 -12.60
C VAL A 126 19.32 9.91 -13.02
N ASP A 127 18.50 9.65 -14.04
CA ASP A 127 17.45 10.58 -14.45
C ASP A 127 16.33 10.47 -13.39
N PRO A 128 16.08 11.55 -12.59
CA PRO A 128 15.03 11.41 -11.55
C PRO A 128 13.68 11.06 -12.17
N ASP A 129 13.43 11.47 -13.42
CA ASP A 129 12.12 11.17 -14.01
C ASP A 129 11.96 9.72 -14.48
N ARG A 130 13.01 8.93 -14.30
CA ARG A 130 12.92 7.51 -14.64
C ARG A 130 13.24 6.67 -13.41
N PHE A 131 13.19 7.30 -12.23
CA PHE A 131 13.66 6.65 -11.01
C PHE A 131 12.47 6.57 -10.05
N ALA A 132 12.07 5.32 -9.73
CA ALA A 132 10.96 5.08 -8.76
C ALA A 132 11.41 4.55 -7.42
N VAL A 133 10.57 4.67 -6.40
CA VAL A 133 10.82 4.04 -5.10
C VAL A 133 9.58 3.24 -4.71
N VAL A 134 9.76 2.00 -4.26
CA VAL A 134 8.61 1.21 -3.77
C VAL A 134 9.04 0.55 -2.46
N VAL A 135 8.49 1.03 -1.33
CA VAL A 135 8.92 0.49 -0.04
C VAL A 135 7.67 0.13 0.78
N GLY A 136 7.57 -1.13 1.19
CA GLY A 136 6.47 -1.67 2.01
C GLY A 136 6.82 -1.55 3.49
N THR A 137 5.77 -1.55 4.31
CA THR A 137 5.91 -1.63 5.75
C THR A 137 4.62 -2.23 6.30
N GLY A 138 4.64 -2.72 7.52
CA GLY A 138 3.38 -3.36 7.96
C GLY A 138 2.34 -2.38 8.50
N LEU A 139 2.79 -1.26 9.08
CA LEU A 139 1.87 -0.37 9.80
C LEU A 139 2.16 1.11 9.56
N GLY A 140 3.42 1.51 9.67
CA GLY A 140 3.77 2.96 9.52
C GLY A 140 4.30 3.55 10.81
N GLY A 141 4.14 4.86 10.99
CA GLY A 141 4.67 5.51 12.19
C GLY A 141 3.71 5.46 13.37
N ALA A 142 3.38 4.24 13.84
CA ALA A 142 2.30 4.08 14.78
C ALA A 142 2.68 4.65 16.16
N GLU A 143 3.97 4.68 16.48
CA GLU A 143 4.32 5.28 17.80
C GLU A 143 3.92 6.74 17.86
N ARG A 144 3.89 7.43 16.72
CA ARG A 144 3.51 8.84 16.71
C ARG A 144 1.98 9.00 16.86
N ILE A 145 1.22 7.95 16.54
CA ILE A 145 -0.24 7.94 16.81
C ILE A 145 -0.46 7.94 18.31
N VAL A 146 0.21 7.04 19.01
CA VAL A 146 -0.01 7.00 20.47
C VAL A 146 0.59 8.24 21.14
N GLU A 147 1.72 8.73 20.65
CA GLU A 147 2.26 10.01 21.14
CA GLU A 147 2.24 9.98 21.20
C GLU A 147 1.28 11.16 21.02
N SER A 148 0.73 11.31 19.82
CA SER A 148 -0.18 12.42 19.54
C SER A 148 -1.44 12.32 20.43
N TYR A 149 -1.93 11.10 20.53
CA TYR A 149 -3.12 10.76 21.33
C TYR A 149 -2.87 11.22 22.77
N ASP A 150 -1.75 10.78 23.36
CA ASP A 150 -1.43 11.18 24.76
C ASP A 150 -1.24 12.68 24.90
N LEU A 151 -0.52 13.29 23.95
CA LEU A 151 -0.25 14.74 23.99
C LEU A 151 -1.59 15.48 23.97
N MET A 152 -2.49 15.11 23.06
CA MET A 152 -3.77 15.80 22.97
C MET A 152 -4.66 15.55 24.21
N ASN A 153 -4.67 14.32 24.72
CA ASN A 153 -5.49 14.04 25.93
C ASN A 153 -4.99 14.83 27.13
N ALA A 154 -3.67 14.97 27.24
CA ALA A 154 -3.13 15.75 28.37
C ALA A 154 -3.24 17.28 28.20
N GLY A 155 -3.15 17.81 26.98
CA GLY A 155 -2.87 19.24 26.82
C GLY A 155 -3.68 19.94 25.73
N GLY A 156 -4.47 19.16 24.99
CA GLY A 156 -5.42 19.63 24.00
C GLY A 156 -4.85 19.64 22.59
N PRO A 157 -5.63 20.13 21.61
CA PRO A 157 -5.24 19.91 20.22
C PRO A 157 -3.98 20.67 19.84
N ARG A 158 -3.64 21.78 20.52
CA ARG A 158 -2.45 22.52 20.12
C ARG A 158 -1.15 21.86 20.60
N LYS A 159 -1.26 20.72 21.27
CA LYS A 159 -0.06 19.98 21.66
C LYS A 159 0.36 18.94 20.62
N VAL A 160 -0.48 18.74 19.62
CA VAL A 160 -0.18 17.79 18.54
C VAL A 160 0.85 18.42 17.59
N SER A 161 1.90 17.68 17.24
CA SER A 161 2.92 18.21 16.32
C SER A 161 2.34 18.53 14.93
N PRO A 162 2.72 19.67 14.34
CA PRO A 162 2.37 19.92 12.94
C PRO A 162 3.02 18.90 11.99
N LEU A 163 3.94 18.08 12.51
CA LEU A 163 4.52 17.00 11.71
C LEU A 163 3.84 15.67 11.89
N ALA A 164 2.84 15.58 12.77
CA ALA A 164 2.25 14.26 13.09
C ALA A 164 1.74 13.52 11.86
N VAL A 165 0.95 14.19 11.03
CA VAL A 165 0.39 13.50 9.88
C VAL A 165 1.49 12.86 9.03
N GLN A 166 2.51 13.65 8.66
CA GLN A 166 3.52 13.12 7.73
C GLN A 166 4.39 12.07 8.40
N MET A 167 4.56 12.12 9.74
CA MET A 167 5.28 11.04 10.40
C MET A 167 4.47 9.72 10.48
N ILE A 168 3.15 9.85 10.56
CA ILE A 168 2.23 8.72 10.77
C ILE A 168 1.90 7.94 9.51
N MET A 169 1.64 8.66 8.43
CA MET A 169 1.05 8.07 7.24
C MET A 169 1.96 6.90 6.80
N PRO A 170 1.37 5.77 6.42
CA PRO A 170 2.19 4.56 6.18
C PRO A 170 3.13 4.73 4.98
N ASN A 171 2.79 5.65 4.06
CA ASN A 171 3.65 5.91 2.89
C ASN A 171 4.81 6.79 3.29
N GLY A 172 4.94 7.09 4.59
CA GLY A 172 5.98 8.03 5.02
C GLY A 172 7.41 7.58 4.76
N ALA A 173 7.75 6.31 5.03
CA ALA A 173 9.15 5.88 4.83
C ALA A 173 9.50 5.92 3.34
N ALA A 174 8.61 5.39 2.50
CA ALA A 174 8.88 5.45 1.04
C ALA A 174 9.04 6.90 0.57
N ALA A 175 8.18 7.79 1.09
CA ALA A 175 8.29 9.20 0.72
C ALA A 175 9.60 9.84 1.17
N VAL A 176 10.06 9.50 2.37
CA VAL A 176 11.34 10.03 2.83
C VAL A 176 12.47 9.56 1.93
N ILE A 177 12.40 8.30 1.50
CA ILE A 177 13.46 7.80 0.61
C ILE A 177 13.33 8.49 -0.76
N GLY A 178 12.11 8.62 -1.28
CA GLY A 178 11.95 9.31 -2.54
C GLY A 178 12.50 10.74 -2.54
N LEU A 179 12.27 11.46 -1.44
CA LEU A 179 12.72 12.84 -1.28
CA LEU A 179 12.73 12.85 -1.32
C LEU A 179 14.24 12.87 -1.14
N GLN A 180 14.76 11.89 -0.39
CA GLN A 180 16.21 11.85 -0.13
C GLN A 180 17.02 11.62 -1.41
N LEU A 181 16.54 10.69 -2.23
CA LEU A 181 17.28 10.21 -3.39
C LEU A 181 16.78 10.88 -4.68
N GLY A 182 15.65 11.59 -4.62
CA GLY A 182 15.19 12.39 -5.77
C GLY A 182 14.38 11.58 -6.79
N ALA A 183 13.51 10.68 -6.35
CA ALA A 183 12.81 9.76 -7.30
C ALA A 183 11.57 10.48 -7.78
N ARG A 184 11.40 10.61 -9.11
CA ARG A 184 10.23 11.33 -9.65
C ARG A 184 9.39 10.46 -10.58
N ALA A 185 9.61 9.15 -10.62
CA ALA A 185 8.81 8.30 -11.49
C ALA A 185 7.86 7.45 -10.64
N GLY A 186 7.55 7.93 -9.43
CA GLY A 186 6.56 7.29 -8.57
C GLY A 186 7.22 6.86 -7.25
N VAL A 187 6.44 6.99 -6.18
CA VAL A 187 6.88 6.50 -4.86
C VAL A 187 5.67 5.73 -4.34
N MET A 188 5.83 4.42 -4.15
CA MET A 188 4.65 3.63 -3.80
CA MET A 188 4.66 3.56 -3.84
C MET A 188 4.88 2.84 -2.53
N THR A 189 3.78 2.52 -1.86
CA THR A 189 3.84 1.77 -0.62
C THR A 189 2.70 0.73 -0.66
N PRO A 190 3.04 -0.52 -0.99
CA PRO A 190 2.01 -1.58 -0.94
C PRO A 190 2.00 -2.10 0.49
N VAL A 191 0.82 -2.28 1.09
CA VAL A 191 0.83 -2.91 2.39
CA VAL A 191 0.78 -2.89 2.41
C VAL A 191 0.06 -4.23 2.30
N SER A 192 0.72 -5.31 2.72
CA SER A 192 0.09 -6.65 2.71
C SER A 192 0.69 -7.37 3.92
N ALA A 193 0.78 -6.62 5.02
CA ALA A 193 1.21 -7.24 6.29
C ALA A 193 2.55 -7.99 6.01
N GLN A 194 2.70 -9.27 6.34
CA GLN A 194 4.01 -9.90 6.34
C GLN A 194 4.58 -10.15 4.91
N SER A 195 3.80 -9.88 3.85
CA SER A 195 4.37 -9.97 2.51
C SER A 195 4.67 -8.59 1.94
N SER A 196 4.59 -7.51 2.74
CA SER A 196 4.74 -6.18 2.15
C SER A 196 6.12 -5.95 1.49
N GLY A 197 7.19 -6.46 2.13
CA GLY A 197 8.55 -6.18 1.66
C GLY A 197 8.83 -6.81 0.29
N SER A 198 8.29 -8.02 0.09
CA SER A 198 8.40 -8.67 -1.21
C SER A 198 7.42 -8.07 -2.24
N GLU A 199 6.23 -7.73 -1.78
CA GLU A 199 5.26 -7.09 -2.68
C GLU A 199 5.83 -5.80 -3.27
N ALA A 200 6.59 -5.06 -2.47
CA ALA A 200 7.16 -3.81 -2.95
C ALA A 200 8.13 -4.08 -4.10
N ILE A 201 8.92 -5.13 -3.99
CA ILE A 201 9.89 -5.46 -5.06
C ILE A 201 9.12 -5.93 -6.30
N ALA A 202 8.01 -6.64 -6.09
CA ALA A 202 7.16 -7.02 -7.23
C ALA A 202 6.66 -5.79 -7.98
N HIS A 203 6.09 -4.81 -7.28
CA HIS A 203 5.55 -3.62 -7.93
C HIS A 203 6.64 -2.77 -8.56
N ALA A 204 7.84 -2.80 -7.96
CA ALA A 204 8.96 -2.06 -8.61
C ALA A 204 9.33 -2.71 -9.94
N TRP A 205 9.38 -4.04 -9.97
CA TRP A 205 9.61 -4.79 -11.22
C TRP A 205 8.54 -4.41 -12.22
N ARG A 206 7.28 -4.40 -11.79
CA ARG A 206 6.23 -4.05 -12.74
C ARG A 206 6.37 -2.65 -13.31
N GLN A 207 6.73 -1.70 -12.46
CA GLN A 207 6.90 -0.29 -12.87
CA GLN A 207 6.82 -0.36 -12.99
C GLN A 207 7.98 -0.21 -13.95
N ILE A 208 9.04 -1.01 -13.79
CA ILE A 208 10.10 -0.98 -14.84
C ILE A 208 9.64 -1.67 -16.11
N VAL A 209 9.10 -2.89 -15.99
CA VAL A 209 8.75 -3.61 -17.23
C VAL A 209 7.57 -2.97 -17.97
N MET A 210 6.72 -2.19 -17.31
CA MET A 210 5.62 -1.47 -17.96
CA MET A 210 5.63 -1.49 -18.00
C MET A 210 6.14 -0.17 -18.59
N GLY A 211 7.40 0.16 -18.34
CA GLY A 211 7.94 1.37 -18.99
C GLY A 211 7.84 2.66 -18.20
N ASP A 212 7.47 2.57 -16.92
CA ASP A 212 7.32 3.78 -16.12
C ASP A 212 8.60 4.24 -15.47
N ALA A 213 9.58 3.34 -15.39
CA ALA A 213 10.85 3.69 -14.75
C ALA A 213 11.96 2.81 -15.33
N ASP A 214 13.21 3.23 -15.20
CA ASP A 214 14.34 2.40 -15.59
C ASP A 214 15.17 1.94 -14.38
N VAL A 215 14.91 2.53 -13.22
CA VAL A 215 15.67 2.19 -12.02
C VAL A 215 14.75 2.39 -10.81
N ALA A 216 14.89 1.56 -9.77
CA ALA A 216 13.99 1.65 -8.61
C ALA A 216 14.68 1.18 -7.36
N VAL A 217 14.51 1.95 -6.27
CA VAL A 217 14.90 1.45 -4.96
C VAL A 217 13.64 0.77 -4.44
N CYS A 218 13.81 -0.45 -3.93
CA CYS A 218 12.65 -1.13 -3.36
C CYS A 218 12.99 -2.02 -2.15
N GLY A 219 12.01 -2.26 -1.27
CA GLY A 219 12.15 -3.30 -0.25
C GLY A 219 11.20 -2.93 0.86
N GLY A 220 11.69 -2.97 2.12
CA GLY A 220 10.75 -2.85 3.22
C GLY A 220 11.42 -2.44 4.52
N VAL A 221 10.64 -1.81 5.40
CA VAL A 221 11.15 -1.36 6.66
C VAL A 221 10.08 -1.71 7.69
N GLU A 222 10.48 -1.77 8.95
CA GLU A 222 9.53 -2.18 9.98
C GLU A 222 10.03 -1.63 11.32
N GLY A 223 9.09 -1.46 12.26
CA GLY A 223 9.44 -1.00 13.61
C GLY A 223 10.12 -2.08 14.46
N PRO A 224 10.63 -1.67 15.63
CA PRO A 224 11.39 -2.54 16.50
C PRO A 224 10.46 -3.34 17.42
N ILE A 225 11.05 -4.33 18.08
CA ILE A 225 10.28 -5.13 19.02
C ILE A 225 9.90 -4.18 20.16
N GLU A 226 8.62 -4.20 20.50
CA GLU A 226 8.12 -3.44 21.66
C GLU A 226 6.98 -4.22 22.34
N ALA A 227 6.60 -3.76 23.51
CA ALA A 227 5.67 -4.53 24.33
C ALA A 227 4.31 -4.70 23.68
N LEU A 228 3.75 -3.63 23.13
CA LEU A 228 2.39 -3.72 22.54
C LEU A 228 2.34 -4.65 21.32
N PRO A 229 3.32 -4.61 20.39
CA PRO A 229 3.34 -5.57 19.28
C PRO A 229 3.42 -7.01 19.83
N ILE A 230 4.27 -7.25 20.83
CA ILE A 230 4.38 -8.61 21.40
C ILE A 230 3.04 -9.03 21.99
N ALA A 231 2.39 -8.10 22.70
CA ALA A 231 1.12 -8.46 23.34
C ALA A 231 0.08 -8.87 22.29
N ALA A 232 0.01 -8.08 21.21
CA ALA A 232 -1.04 -8.30 20.23
C ALA A 232 -0.81 -9.62 19.48
N PHE A 233 0.43 -9.89 19.03
CA PHE A 233 0.63 -11.16 18.36
C PHE A 233 0.56 -12.33 19.34
N SER A 234 0.99 -12.15 20.60
CA SER A 234 0.89 -13.23 21.61
CA SER A 234 0.89 -13.20 21.62
C SER A 234 -0.54 -13.65 21.87
N MET A 235 -1.48 -12.69 21.81
CA MET A 235 -2.89 -13.06 22.01
C MET A 235 -3.44 -13.84 20.82
N MET A 236 -2.74 -13.91 19.68
CA MET A 236 -3.18 -14.81 18.58
C MET A 236 -2.62 -16.22 18.79
N ARG A 237 -1.75 -16.37 19.80
CA ARG A 237 -1.18 -17.68 20.18
C ARG A 237 -0.29 -18.25 19.06
N ALA A 238 0.44 -17.32 18.48
CA ALA A 238 1.20 -17.44 17.23
C ALA A 238 2.71 -17.66 17.52
N MET A 239 3.12 -17.28 18.72
CA MET A 239 4.56 -17.01 18.99
C MET A 239 5.22 -18.12 19.77
N SER A 240 6.51 -18.34 19.47
CA SER A 240 7.27 -19.28 20.27
C SER A 240 7.45 -18.72 21.69
N THR A 241 7.43 -19.58 22.69
CA THR A 241 7.77 -19.11 24.04
C THR A 241 8.89 -19.98 24.61
N ARG A 242 9.82 -20.39 23.75
CA ARG A 242 10.98 -21.15 24.23
C ARG A 242 12.02 -20.20 24.81
N ASN A 243 11.72 -19.64 25.98
CA ASN A 243 12.47 -18.50 26.48
C ASN A 243 13.82 -18.96 27.03
N ASP A 244 13.95 -20.23 27.41
CA ASP A 244 15.18 -20.74 28.03
CA ASP A 244 15.24 -20.57 28.03
C ASP A 244 16.31 -20.96 27.00
N GLU A 245 15.94 -21.17 25.73
CA GLU A 245 16.95 -21.36 24.68
C GLU A 245 16.63 -20.51 23.46
N PRO A 246 16.85 -19.19 23.54
CA PRO A 246 16.36 -18.26 22.50
C PRO A 246 16.82 -18.63 21.08
N GLU A 247 18.07 -19.05 20.91
CA GLU A 247 18.56 -19.38 19.56
CA GLU A 247 18.58 -19.40 19.58
C GLU A 247 17.94 -20.68 18.99
N ARG A 248 17.36 -21.53 19.85
CA ARG A 248 16.66 -22.74 19.40
C ARG A 248 15.15 -22.56 19.13
N ALA A 249 14.61 -21.37 19.39
CA ALA A 249 13.16 -21.19 19.49
C ALA A 249 12.53 -21.23 18.10
N SER A 250 13.16 -20.58 17.13
CA SER A 250 12.55 -20.46 15.77
C SER A 250 12.88 -21.69 14.95
N ARG A 251 11.91 -22.57 14.64
CA ARG A 251 12.22 -23.90 14.08
C ARG A 251 11.41 -24.19 12.80
N PRO A 252 11.52 -23.33 11.79
CA PRO A 252 10.66 -23.55 10.61
C PRO A 252 10.85 -24.94 10.02
N PHE A 253 9.72 -25.55 9.65
CA PHE A 253 9.65 -26.89 9.05
C PHE A 253 9.97 -28.04 9.99
N ASP A 254 10.46 -27.72 11.17
CA ASP A 254 10.77 -28.77 12.17
C ASP A 254 9.52 -29.31 12.85
N LYS A 255 9.54 -30.60 13.21
CA LYS A 255 8.39 -31.23 13.83
C LYS A 255 7.99 -30.54 15.12
N ASP A 256 8.97 -30.02 15.85
CA ASP A 256 8.73 -29.45 17.17
C ASP A 256 8.57 -27.92 17.17
N ARG A 257 8.28 -27.28 16.04
CA ARG A 257 8.10 -25.82 16.03
C ARG A 257 6.90 -25.41 16.89
N ASP A 258 6.97 -24.21 17.46
CA ASP A 258 5.88 -23.74 18.31
C ASP A 258 5.63 -22.27 18.10
N GLY A 259 5.80 -21.81 16.86
CA GLY A 259 5.42 -20.43 16.55
C GLY A 259 6.61 -19.56 16.10
N PHE A 260 6.29 -18.32 15.75
CA PHE A 260 7.35 -17.46 15.20
C PHE A 260 8.08 -16.67 16.28
N VAL A 261 9.24 -16.12 15.90
CA VAL A 261 10.02 -15.27 16.80
C VAL A 261 10.28 -13.95 16.06
N PHE A 262 10.09 -12.83 16.75
CA PHE A 262 10.47 -11.53 16.17
C PHE A 262 11.96 -11.42 15.97
N GLY A 263 12.35 -10.86 14.82
CA GLY A 263 13.76 -10.45 14.63
C GLY A 263 13.66 -9.20 13.77
N GLU A 264 14.25 -8.11 14.26
CA GLU A 264 14.15 -6.82 13.57
C GLU A 264 14.97 -6.83 12.29
N ALA A 265 14.51 -6.06 11.33
CA ALA A 265 15.32 -5.85 10.11
C ALA A 265 14.71 -4.70 9.30
N GLY A 266 15.51 -4.26 8.34
CA GLY A 266 14.99 -3.45 7.23
C GLY A 266 15.93 -3.77 6.08
N ALA A 267 15.41 -3.75 4.83
CA ALA A 267 16.26 -4.10 3.70
C ALA A 267 15.80 -3.34 2.45
N LEU A 268 16.75 -2.94 1.61
CA LEU A 268 16.45 -2.33 0.32
C LEU A 268 17.36 -2.93 -0.76
N MET A 269 16.87 -2.98 -1.99
CA MET A 269 17.76 -3.29 -3.11
C MET A 269 17.54 -2.25 -4.21
N LEU A 270 18.53 -2.14 -5.10
CA LEU A 270 18.46 -1.25 -6.25
C LEU A 270 18.26 -2.20 -7.44
N ILE A 271 17.18 -2.00 -8.19
CA ILE A 271 17.01 -2.75 -9.43
C ILE A 271 16.97 -1.76 -10.58
N GLU A 272 17.30 -2.23 -11.77
CA GLU A 272 17.36 -1.34 -12.93
C GLU A 272 17.40 -2.18 -14.19
N THR A 273 17.09 -1.59 -15.33
CA THR A 273 17.15 -2.37 -16.56
C THR A 273 18.64 -2.73 -16.78
N GLU A 274 18.84 -3.91 -17.35
CA GLU A 274 20.21 -4.34 -17.75
C GLU A 274 20.95 -3.29 -18.58
N GLU A 275 20.26 -2.63 -19.50
CA GLU A 275 20.84 -1.57 -20.34
CA GLU A 275 21.02 -1.66 -20.28
C GLU A 275 21.31 -0.39 -19.47
N HIS A 276 20.43 0.03 -18.56
CA HIS A 276 20.74 1.11 -17.64
C HIS A 276 21.98 0.74 -16.80
N ALA A 277 22.04 -0.50 -16.32
CA ALA A 277 23.17 -0.90 -15.47
C ALA A 277 24.47 -0.88 -16.27
N LYS A 278 24.40 -1.42 -17.48
CA LYS A 278 25.58 -1.50 -18.32
C LYS A 278 26.06 -0.12 -18.72
N ALA A 279 25.14 0.82 -18.97
CA ALA A 279 25.54 2.14 -19.42
C ALA A 279 26.31 2.86 -18.31
N ARG A 280 26.00 2.59 -17.05
CA ARG A 280 26.71 3.28 -15.97
C ARG A 280 27.82 2.44 -15.34
N GLY A 281 28.07 1.26 -15.87
CA GLY A 281 29.13 0.41 -15.36
C GLY A 281 28.82 -0.32 -14.05
N ALA A 282 27.55 -0.52 -13.72
CA ALA A 282 27.19 -1.24 -12.48
C ALA A 282 27.40 -2.74 -12.66
N LYS A 283 27.86 -3.47 -11.65
CA LYS A 283 27.98 -4.92 -11.81
C LYS A 283 26.79 -5.59 -11.11
N PRO A 284 25.94 -6.25 -11.88
CA PRO A 284 24.75 -6.87 -11.31
C PRO A 284 25.11 -8.00 -10.36
N LEU A 285 24.28 -8.16 -9.29
CA LEU A 285 24.40 -9.27 -8.37
CA LEU A 285 24.38 -9.27 -8.36
C LEU A 285 23.53 -10.46 -8.80
N ALA A 286 22.43 -10.18 -9.50
CA ALA A 286 21.47 -11.21 -9.89
C ALA A 286 20.51 -10.56 -10.83
N ARG A 287 19.63 -11.39 -11.40
CA ARG A 287 18.50 -10.89 -12.22
C ARG A 287 17.16 -11.01 -11.52
N LEU A 288 16.25 -10.00 -11.64
CA LEU A 288 14.91 -10.17 -11.08
C LEU A 288 13.98 -10.44 -12.29
N LEU A 289 13.52 -11.66 -12.41
CA LEU A 289 12.90 -12.13 -13.69
C LEU A 289 11.40 -12.04 -13.78
N GLY A 290 10.71 -12.11 -12.62
CA GLY A 290 9.24 -12.09 -12.65
C GLY A 290 8.64 -12.16 -11.24
N ALA A 291 7.36 -11.81 -11.13
CA ALA A 291 6.73 -11.65 -9.80
C ALA A 291 5.29 -12.10 -9.90
N GLY A 292 4.80 -12.81 -8.89
CA GLY A 292 3.42 -13.30 -8.96
C GLY A 292 2.76 -12.80 -7.68
N ILE A 293 1.53 -12.27 -7.82
CA ILE A 293 0.76 -11.88 -6.61
C ILE A 293 -0.60 -12.51 -6.71
N THR A 294 -0.99 -13.29 -5.70
CA THR A 294 -2.35 -13.82 -5.67
C THR A 294 -2.93 -13.67 -4.27
N SER A 295 -4.16 -14.13 -4.05
CA SER A 295 -4.75 -14.09 -2.72
C SER A 295 -5.55 -15.34 -2.44
N ASP A 296 -5.74 -15.69 -1.18
CA ASP A 296 -6.38 -16.97 -0.85
C ASP A 296 -7.92 -16.93 -0.88
N ALA A 297 -8.52 -15.78 -0.50
CA ALA A 297 -9.94 -15.73 -0.03
C ALA A 297 -10.29 -16.96 0.82
N PHE A 298 -9.54 -17.13 1.90
CA PHE A 298 -9.76 -18.29 2.78
C PHE A 298 -10.02 -17.82 4.22
N HIS A 299 -9.09 -17.10 4.81
CA HIS A 299 -9.25 -16.69 6.21
C HIS A 299 -8.37 -15.45 6.38
N MET A 300 -8.69 -14.61 7.36
CA MET A 300 -7.98 -13.34 7.55
CA MET A 300 -7.96 -13.36 7.53
C MET A 300 -6.57 -13.60 8.10
N VAL A 301 -6.39 -14.66 8.89
CA VAL A 301 -5.09 -14.79 9.56
C VAL A 301 -4.63 -16.26 9.55
N ALA A 302 -5.19 -17.07 8.66
CA ALA A 302 -4.56 -18.41 8.50
C ALA A 302 -4.46 -18.59 6.98
N PRO A 303 -3.36 -19.22 6.51
CA PRO A 303 -3.18 -19.45 5.08
C PRO A 303 -4.05 -20.64 4.68
N ALA A 304 -4.52 -20.68 3.43
CA ALA A 304 -5.27 -21.86 3.01
C ALA A 304 -4.39 -23.11 3.16
N ALA A 305 -4.99 -24.18 3.68
CA ALA A 305 -4.19 -25.37 3.99
C ALA A 305 -3.67 -26.00 2.68
N ASP A 306 -4.44 -25.87 1.60
CA ASP A 306 -4.10 -26.61 0.38
C ASP A 306 -2.94 -25.96 -0.41
N GLY A 307 -2.53 -24.75 -0.03
CA GLY A 307 -1.45 -24.03 -0.71
C GLY A 307 -1.72 -23.73 -2.18
N VAL A 308 -2.95 -23.86 -2.64
CA VAL A 308 -3.17 -23.72 -4.09
C VAL A 308 -2.95 -22.30 -4.63
N ARG A 309 -3.60 -21.30 -4.04
CA ARG A 309 -3.33 -19.90 -4.48
C ARG A 309 -1.88 -19.46 -4.21
N ALA A 310 -1.30 -19.86 -3.09
CA ALA A 310 0.11 -19.56 -2.78
C ALA A 310 1.00 -20.17 -3.89
N GLY A 311 0.69 -21.42 -4.25
CA GLY A 311 1.42 -22.15 -5.30
C GLY A 311 1.26 -21.40 -6.62
N ARG A 312 0.05 -20.89 -6.89
CA ARG A 312 -0.17 -20.13 -8.12
C ARG A 312 0.57 -18.79 -8.18
N ALA A 313 0.84 -18.15 -7.03
CA ALA A 313 1.77 -17.01 -7.06
C ALA A 313 3.19 -17.40 -7.57
N MET A 314 3.71 -18.52 -7.09
CA MET A 314 4.98 -19.04 -7.58
C MET A 314 4.88 -19.31 -9.06
N THR A 315 3.82 -19.98 -9.49
CA THR A 315 3.68 -20.34 -10.92
C THR A 315 3.60 -19.08 -11.79
N ARG A 316 2.84 -18.07 -11.31
CA ARG A 316 2.75 -16.83 -12.08
C ARG A 316 4.17 -16.20 -12.22
N SER A 317 4.97 -16.15 -11.15
CA SER A 317 6.35 -15.61 -11.28
C SER A 317 7.10 -16.36 -12.37
N LEU A 318 6.87 -17.68 -12.51
CA LEU A 318 7.67 -18.47 -13.44
C LEU A 318 7.13 -18.15 -14.83
N GLU A 319 5.81 -18.04 -14.98
CA GLU A 319 5.23 -17.68 -16.29
C GLU A 319 5.80 -16.35 -16.79
N LEU A 320 5.88 -15.35 -15.89
CA LEU A 320 6.36 -14.03 -16.33
C LEU A 320 7.86 -14.08 -16.61
N ALA A 321 8.59 -14.90 -15.83
CA ALA A 321 10.02 -15.06 -16.08
C ALA A 321 10.31 -15.82 -17.39
N GLY A 322 9.41 -16.75 -17.73
CA GLY A 322 9.59 -17.67 -18.85
C GLY A 322 10.30 -18.96 -18.40
N LEU A 323 10.04 -19.42 -17.17
CA LEU A 323 10.74 -20.59 -16.60
C LEU A 323 9.75 -21.72 -16.41
N SER A 324 10.28 -22.94 -16.29
CA SER A 324 9.47 -24.07 -15.82
CA SER A 324 9.47 -24.06 -15.83
C SER A 324 9.80 -24.37 -14.38
N PRO A 325 8.89 -25.08 -13.69
CA PRO A 325 9.23 -25.42 -12.30
C PRO A 325 10.53 -26.23 -12.14
N ALA A 326 10.84 -27.10 -13.09
CA ALA A 326 12.11 -27.85 -13.00
C ALA A 326 13.37 -26.97 -13.02
N ASP A 327 13.25 -25.73 -13.52
CA ASP A 327 14.36 -24.79 -13.58
C ASP A 327 14.72 -24.28 -12.18
N ILE A 328 13.78 -24.38 -11.24
CA ILE A 328 14.01 -23.66 -9.99
C ILE A 328 14.91 -24.52 -9.07
N ASP A 329 16.12 -24.04 -8.82
CA ASP A 329 17.05 -24.78 -7.93
C ASP A 329 16.79 -24.57 -6.44
N HIS A 330 16.18 -23.44 -6.08
CA HIS A 330 16.20 -22.99 -4.70
C HIS A 330 14.91 -22.24 -4.38
N VAL A 331 14.32 -22.51 -3.22
CA VAL A 331 13.19 -21.69 -2.72
C VAL A 331 13.63 -21.11 -1.38
N ASN A 332 13.47 -19.79 -1.25
CA ASN A 332 13.72 -19.13 0.03
C ASN A 332 12.32 -19.00 0.63
N ALA A 333 12.01 -19.94 1.52
CA ALA A 333 10.67 -20.07 2.07
C ALA A 333 10.30 -18.90 2.97
N HIS A 334 9.00 -18.59 3.03
CA HIS A 334 8.51 -17.68 4.08
C HIS A 334 8.71 -18.29 5.45
N GLY A 335 8.40 -19.60 5.57
CA GLY A 335 8.88 -20.40 6.72
C GLY A 335 8.85 -19.69 8.08
N THR A 336 7.67 -19.42 8.64
CA THR A 336 7.63 -18.66 9.87
C THR A 336 7.79 -19.50 11.13
N ALA A 337 7.74 -20.83 11.00
CA ALA A 337 7.75 -21.77 12.15
C ALA A 337 6.46 -21.83 12.94
N THR A 338 5.35 -21.32 12.39
CA THR A 338 4.07 -21.76 12.92
C THR A 338 3.70 -23.15 12.41
N PRO A 339 2.95 -23.88 13.23
CA PRO A 339 2.49 -25.19 12.76
C PRO A 339 1.66 -25.03 11.45
N ILE A 340 0.62 -24.20 11.41
N ILE A 340 0.71 -24.11 11.48
CA ILE A 340 -0.18 -24.21 10.16
CA ILE A 340 -0.20 -24.01 10.34
C ILE A 340 0.50 -23.46 8.99
C ILE A 340 0.48 -23.46 9.08
N GLY A 341 1.36 -22.50 9.28
CA GLY A 341 1.95 -21.73 8.17
C GLY A 341 2.87 -22.62 7.34
N ASP A 342 3.76 -23.36 8.02
CA ASP A 342 4.79 -24.11 7.29
C ASP A 342 4.12 -25.22 6.51
N ALA A 343 3.06 -25.81 7.10
CA ALA A 343 2.39 -26.94 6.43
C ALA A 343 1.72 -26.44 5.14
N ALA A 344 1.09 -25.27 5.22
CA ALA A 344 0.49 -24.67 4.02
C ALA A 344 1.57 -24.38 2.96
N GLU A 345 2.68 -23.79 3.38
CA GLU A 345 3.70 -23.42 2.37
C GLU A 345 4.32 -24.66 1.74
N ALA A 346 4.46 -25.77 2.49
CA ALA A 346 4.96 -27.03 1.89
C ALA A 346 4.01 -27.50 0.79
N ASN A 347 2.71 -27.39 1.06
CA ASN A 347 1.71 -27.75 0.04
C ASN A 347 1.82 -26.83 -1.17
N ALA A 348 2.03 -25.53 -0.92
CA ALA A 348 2.11 -24.57 -2.00
C ALA A 348 3.32 -24.87 -2.90
N ILE A 349 4.46 -25.19 -2.28
CA ILE A 349 5.65 -25.53 -3.04
C ILE A 349 5.41 -26.78 -3.89
N ARG A 350 4.70 -27.78 -3.34
CA ARG A 350 4.29 -28.90 -4.19
C ARG A 350 3.35 -28.52 -5.32
N VAL A 351 2.35 -27.70 -5.03
CA VAL A 351 1.44 -27.23 -6.11
C VAL A 351 2.20 -26.60 -7.28
N ALA A 352 3.20 -25.79 -6.95
CA ALA A 352 4.01 -25.09 -7.96
C ALA A 352 4.98 -26.03 -8.70
N GLY A 353 5.14 -27.28 -8.23
CA GLY A 353 6.07 -28.22 -8.90
C GLY A 353 7.50 -27.95 -8.52
N CYS A 354 7.69 -27.22 -7.41
CA CYS A 354 9.02 -26.79 -6.95
C CYS A 354 9.56 -27.57 -5.75
N ASP A 355 8.99 -28.73 -5.42
CA ASP A 355 9.36 -29.40 -4.16
C ASP A 355 10.64 -30.27 -4.25
N GLN A 356 11.32 -30.20 -5.39
CA GLN A 356 12.67 -30.76 -5.51
CA GLN A 356 12.65 -30.76 -5.49
C GLN A 356 13.73 -29.67 -5.42
N ALA A 357 13.30 -28.40 -5.22
CA ALA A 357 14.27 -27.31 -4.93
C ALA A 357 14.87 -27.48 -3.52
N ALA A 358 16.09 -26.98 -3.32
CA ALA A 358 16.74 -26.90 -2.00
C ALA A 358 16.07 -25.72 -1.30
N VAL A 359 15.57 -25.94 -0.07
CA VAL A 359 14.76 -24.90 0.58
C VAL A 359 15.52 -24.32 1.74
N TYR A 360 15.44 -22.96 1.88
CA TYR A 360 16.07 -22.35 3.08
C TYR A 360 14.92 -21.61 3.83
N ALA A 361 14.93 -21.58 5.17
CA ALA A 361 13.99 -20.73 5.93
C ALA A 361 14.80 -19.79 6.84
N PRO A 362 15.13 -18.60 6.34
CA PRO A 362 16.01 -17.71 7.10
C PRO A 362 15.43 -17.18 8.43
N LYS A 363 14.11 -17.23 8.63
CA LYS A 363 13.58 -16.80 9.91
C LYS A 363 14.10 -17.71 11.03
N SER A 364 14.62 -18.89 10.68
CA SER A 364 15.24 -19.79 11.68
C SER A 364 16.41 -19.08 12.42
N ALA A 365 17.06 -18.14 11.72
CA ALA A 365 18.23 -17.42 12.30
C ALA A 365 17.95 -15.94 12.57
N LEU A 366 17.16 -15.32 11.67
CA LEU A 366 16.97 -13.85 11.71
C LEU A 366 15.60 -13.46 12.33
N GLY A 367 14.75 -14.45 12.58
CA GLY A 367 13.40 -14.14 13.09
C GLY A 367 12.55 -13.42 12.03
N HIS A 368 11.42 -12.89 12.47
CA HIS A 368 10.38 -12.40 11.57
C HIS A 368 10.34 -10.89 11.71
N SER A 369 10.53 -10.12 10.61
CA SER A 369 10.49 -8.66 10.68
C SER A 369 9.25 -8.14 9.92
N ILE A 370 8.18 -8.96 9.84
CA ILE A 370 6.84 -8.43 9.48
C ILE A 370 6.92 -7.69 8.12
N GLY A 371 6.68 -6.39 8.06
CA GLY A 371 6.63 -5.74 6.76
C GLY A 371 7.97 -5.66 6.05
N ALA A 372 9.08 -5.81 6.78
CA ALA A 372 10.38 -5.82 6.08
C ALA A 372 10.84 -7.18 5.56
N VAL A 373 10.24 -8.26 6.08
CA VAL A 373 10.92 -9.54 5.97
C VAL A 373 11.07 -10.07 4.55
N GLY A 374 10.06 -9.83 3.70
CA GLY A 374 10.12 -10.33 2.32
C GLY A 374 11.31 -9.67 1.62
N ALA A 375 11.51 -8.38 1.90
CA ALA A 375 12.65 -7.65 1.26
C ALA A 375 13.98 -8.24 1.73
N LEU A 376 14.12 -8.42 3.04
CA LEU A 376 15.37 -9.03 3.57
C LEU A 376 15.59 -10.37 2.88
N GLU A 377 14.55 -11.19 2.82
CA GLU A 377 14.71 -12.55 2.27
C GLU A 377 14.96 -12.52 0.77
N SER A 378 14.44 -11.50 0.09
CA SER A 378 14.76 -11.30 -1.32
C SER A 378 16.24 -10.98 -1.49
N VAL A 379 16.77 -10.10 -0.63
CA VAL A 379 18.23 -9.87 -0.60
C VAL A 379 19.04 -11.13 -0.35
N LEU A 380 18.61 -11.96 0.61
CA LEU A 380 19.30 -13.23 0.82
C LEU A 380 19.22 -14.16 -0.39
N THR A 381 18.09 -14.14 -1.11
CA THR A 381 17.95 -14.99 -2.31
C THR A 381 18.98 -14.57 -3.36
N VAL A 382 19.11 -13.25 -3.51
CA VAL A 382 20.12 -12.68 -4.43
C VAL A 382 21.53 -13.13 -4.06
N LEU A 383 21.83 -13.12 -2.78
CA LEU A 383 23.20 -13.51 -2.34
C LEU A 383 23.43 -15.02 -2.52
N THR A 384 22.39 -15.84 -2.40
CA THR A 384 22.51 -17.28 -2.72
C THR A 384 22.88 -17.48 -4.18
N LEU A 385 22.25 -16.69 -5.07
CA LEU A 385 22.54 -16.83 -6.49
C LEU A 385 23.94 -16.27 -6.84
N ARG A 386 24.26 -15.12 -6.28
CA ARG A 386 25.59 -14.55 -6.51
C ARG A 386 26.72 -15.50 -6.07
N ASP A 387 26.53 -16.14 -4.91
CA ASP A 387 27.65 -16.84 -4.26
C ASP A 387 27.55 -18.36 -4.37
N GLY A 388 26.45 -18.88 -4.93
CA GLY A 388 26.35 -20.36 -5.13
C GLY A 388 26.22 -21.12 -3.80
N VAL A 389 25.57 -20.55 -2.79
CA VAL A 389 25.50 -21.26 -1.46
C VAL A 389 24.21 -20.90 -0.70
N ILE A 390 23.59 -21.85 -0.03
CA ILE A 390 22.42 -21.65 0.81
C ILE A 390 22.88 -21.89 2.25
N PRO A 391 22.61 -20.96 3.19
CA PRO A 391 22.95 -21.23 4.60
C PRO A 391 22.07 -22.37 5.15
N PRO A 392 22.53 -22.99 6.25
CA PRO A 392 21.71 -24.01 6.92
C PRO A 392 20.48 -23.37 7.58
N THR A 393 19.36 -24.07 7.49
CA THR A 393 18.16 -23.65 8.28
C THR A 393 18.45 -24.05 9.73
N LEU A 394 18.48 -23.08 10.65
CA LEU A 394 18.82 -23.44 12.04
C LEU A 394 17.65 -24.22 12.65
N ASN A 395 18.02 -25.10 13.59
CA ASN A 395 17.06 -25.78 14.49
C ASN A 395 16.26 -26.86 13.78
N TYR A 396 16.67 -27.17 12.56
CA TYR A 396 15.98 -28.21 11.79
C TYR A 396 16.54 -29.56 12.20
N GLU A 397 15.83 -30.24 13.09
CA GLU A 397 16.39 -31.44 13.72
C GLU A 397 15.54 -32.67 13.50
N THR A 398 14.23 -32.48 13.41
CA THR A 398 13.29 -33.60 13.26
C THR A 398 12.36 -33.33 12.09
N PRO A 399 12.57 -34.03 10.96
CA PRO A 399 11.69 -33.77 9.83
C PRO A 399 10.24 -34.12 10.13
N ASP A 400 9.34 -33.36 9.52
CA ASP A 400 7.92 -33.50 9.79
C ASP A 400 7.37 -34.13 8.50
N PRO A 401 6.73 -35.32 8.56
CA PRO A 401 6.17 -36.01 7.37
C PRO A 401 5.15 -35.21 6.51
N GLU A 402 4.46 -34.23 7.10
CA GLU A 402 3.56 -33.30 6.39
CA GLU A 402 3.58 -33.45 6.26
C GLU A 402 4.35 -32.34 5.52
N ILE A 403 5.64 -32.23 5.86
N ILE A 403 5.64 -32.12 5.81
CA ILE A 403 6.61 -31.37 5.24
CA ILE A 403 6.33 -31.07 5.11
C ILE A 403 7.73 -32.26 4.66
C ILE A 403 6.98 -31.66 3.85
N ASP A 404 7.51 -32.74 3.45
N ASP A 404 7.86 -32.65 4.05
CA ASP A 404 8.51 -33.50 2.74
CA ASP A 404 8.46 -33.41 2.96
C ASP A 404 9.24 -32.55 1.79
C ASP A 404 9.10 -32.47 1.90
N LEU A 405 10.06 -31.66 2.34
CA LEU A 405 10.77 -30.69 1.46
C LEU A 405 12.25 -31.00 1.64
N ASP A 406 13.09 -30.53 0.74
CA ASP A 406 14.54 -30.64 0.93
C ASP A 406 15.06 -29.42 1.68
N VAL A 407 14.98 -29.46 3.03
CA VAL A 407 15.36 -28.30 3.85
C VAL A 407 16.87 -28.37 4.12
N VAL A 408 17.58 -27.36 3.66
CA VAL A 408 19.03 -27.31 3.86
C VAL A 408 19.28 -27.14 5.34
N ALA A 409 20.15 -27.95 5.93
CA ALA A 409 20.39 -27.93 7.35
C ALA A 409 21.81 -28.47 7.63
N GLY A 410 22.30 -28.14 8.80
CA GLY A 410 23.57 -28.72 9.31
C GLY A 410 24.77 -27.90 8.87
N GLU A 411 24.93 -27.77 7.57
CA GLU A 411 25.99 -26.95 7.00
CA GLU A 411 26.01 -27.01 6.96
C GLU A 411 25.43 -26.28 5.74
N PRO A 412 26.15 -25.26 5.22
CA PRO A 412 25.63 -24.69 3.97
C PRO A 412 25.57 -25.71 2.81
N ARG A 413 24.68 -25.45 1.88
CA ARG A 413 24.55 -26.29 0.66
C ARG A 413 25.10 -25.48 -0.51
N TYR A 414 26.17 -26.00 -1.13
CA TYR A 414 26.81 -25.31 -2.23
C TYR A 414 26.23 -25.83 -3.55
N GLY A 415 26.19 -24.96 -4.55
CA GLY A 415 25.71 -25.41 -5.88
C GLY A 415 25.83 -24.27 -6.85
N ASP A 416 25.84 -24.60 -8.14
CA ASP A 416 25.76 -23.55 -9.16
C ASP A 416 24.29 -23.22 -9.42
N TYR A 417 23.64 -22.56 -8.47
CA TYR A 417 22.19 -22.30 -8.56
C TYR A 417 21.90 -21.30 -9.69
N ARG A 418 20.94 -21.65 -10.53
CA ARG A 418 20.62 -20.80 -11.70
C ARG A 418 19.41 -19.91 -11.48
N TYR A 419 18.39 -20.45 -10.78
CA TYR A 419 17.12 -19.74 -10.59
C TYR A 419 16.59 -20.06 -9.21
N ALA A 420 15.90 -19.08 -8.62
CA ALA A 420 15.39 -19.29 -7.28
C ALA A 420 14.09 -18.51 -7.14
N VAL A 421 13.20 -18.96 -6.26
CA VAL A 421 11.95 -18.22 -5.97
C VAL A 421 12.00 -17.84 -4.52
N ASN A 422 11.70 -16.56 -4.24
CA ASN A 422 11.48 -16.13 -2.86
C ASN A 422 9.99 -16.03 -2.58
N ASN A 423 9.53 -16.69 -1.52
CA ASN A 423 8.09 -16.67 -1.12
C ASN A 423 7.88 -15.71 0.06
N SER A 424 6.73 -15.03 0.11
CA SER A 424 6.30 -14.28 1.30
CA SER A 424 6.32 -14.28 1.30
C SER A 424 4.77 -14.32 1.35
N PHE A 425 4.20 -14.45 2.55
CA PHE A 425 2.73 -14.48 2.64
C PHE A 425 2.36 -13.52 3.75
N GLY A 426 1.12 -13.02 3.70
CA GLY A 426 0.70 -12.04 4.72
C GLY A 426 -0.71 -12.25 5.22
N PHE A 427 -0.96 -11.93 6.49
CA PHE A 427 -2.33 -11.87 7.01
C PHE A 427 -3.20 -11.05 6.04
N GLY A 428 -4.37 -11.60 5.76
CA GLY A 428 -5.28 -11.09 4.74
C GLY A 428 -5.36 -12.07 3.58
N GLY A 429 -4.47 -13.06 3.56
CA GLY A 429 -4.45 -14.05 2.46
C GLY A 429 -3.57 -13.64 1.28
N HIS A 430 -2.52 -12.83 1.53
CA HIS A 430 -1.73 -12.32 0.42
C HIS A 430 -0.59 -13.24 0.11
N ASN A 431 -0.44 -13.61 -1.17
CA ASN A 431 0.71 -14.45 -1.57
C ASN A 431 1.60 -13.69 -2.56
N VAL A 432 2.93 -13.65 -2.30
CA VAL A 432 3.82 -12.99 -3.25
C VAL A 432 5.01 -13.91 -3.53
N ALA A 433 5.31 -14.12 -4.81
CA ALA A 433 6.50 -14.92 -5.16
C ALA A 433 7.36 -14.13 -6.14
N LEU A 434 8.67 -14.12 -5.92
CA LEU A 434 9.57 -13.39 -6.79
C LEU A 434 10.55 -14.39 -7.39
N ALA A 435 10.72 -14.34 -8.70
CA ALA A 435 11.66 -15.27 -9.37
C ALA A 435 12.93 -14.52 -9.69
N PHE A 436 14.06 -15.01 -9.18
CA PHE A 436 15.38 -14.40 -9.44
C PHE A 436 16.29 -15.38 -10.20
N GLY A 437 17.29 -14.86 -10.90
CA GLY A 437 18.22 -15.71 -11.63
C GLY A 437 19.65 -15.26 -11.41
N ARG A 438 20.57 -16.20 -11.56
CA ARG A 438 21.99 -15.90 -11.52
C ARG A 438 22.34 -14.96 -12.66
N TYR A 439 23.15 -13.95 -12.38
CA TYR A 439 23.66 -13.10 -13.45
C TYR A 439 24.93 -13.72 -14.02
N GLN B 26 4.49 0.89 -29.11
CA GLN B 26 4.28 0.63 -27.64
C GLN B 26 2.79 0.50 -27.33
N PRO B 27 2.41 -0.48 -26.47
CA PRO B 27 0.97 -0.72 -26.29
C PRO B 27 0.23 0.51 -25.75
N SER B 28 -1.00 0.68 -26.22
CA SER B 28 -1.95 1.60 -25.64
C SER B 28 -3.36 0.97 -25.70
N THR B 29 -4.29 1.53 -24.94
CA THR B 29 -5.66 1.06 -25.11
C THR B 29 -6.17 1.31 -26.52
N ALA B 30 -5.93 2.50 -27.07
CA ALA B 30 -6.49 2.76 -28.41
C ALA B 30 -5.90 1.83 -29.47
N ASN B 31 -4.67 1.36 -29.30
CA ASN B 31 -4.05 0.60 -30.38
C ASN B 31 -4.25 -0.91 -30.16
N GLY B 32 -4.99 -1.27 -29.12
CA GLY B 32 -5.30 -2.68 -28.85
C GLY B 32 -4.18 -3.45 -28.13
N GLY B 33 -3.09 -2.77 -27.76
CA GLY B 33 -2.00 -3.41 -27.03
C GLY B 33 -2.34 -3.70 -25.57
N PHE B 34 -3.32 -2.97 -25.06
CA PHE B 34 -3.91 -3.34 -23.78
C PHE B 34 -5.34 -3.78 -24.03
N PRO B 35 -5.84 -4.76 -23.26
CA PRO B 35 -7.27 -5.03 -23.43
C PRO B 35 -8.16 -3.85 -22.98
N SER B 36 -9.36 -3.76 -23.54
CA SER B 36 -10.32 -2.73 -23.16
C SER B 36 -10.90 -3.06 -21.77
N VAL B 37 -10.91 -2.08 -20.86
CA VAL B 37 -11.38 -2.28 -19.49
C VAL B 37 -12.55 -1.33 -19.28
N VAL B 38 -13.65 -1.82 -18.71
CA VAL B 38 -14.82 -0.97 -18.60
C VAL B 38 -15.24 -0.94 -17.14
N VAL B 39 -15.90 0.15 -16.75
CA VAL B 39 -16.46 0.25 -15.41
C VAL B 39 -17.91 -0.26 -15.48
N THR B 40 -18.29 -1.23 -14.64
CA THR B 40 -19.64 -1.81 -14.78
C THR B 40 -20.53 -1.60 -13.52
N ALA B 41 -19.97 -1.08 -12.45
CA ALA B 41 -20.81 -0.74 -11.28
C ALA B 41 -20.05 0.23 -10.38
N VAL B 42 -20.76 1.06 -9.62
CA VAL B 42 -20.14 2.04 -8.70
C VAL B 42 -21.02 2.05 -7.44
N THR B 43 -20.39 2.34 -6.30
CA THR B 43 -21.13 2.55 -5.06
C THR B 43 -20.34 3.61 -4.30
N ALA B 44 -21.04 4.40 -3.50
CA ALA B 44 -20.34 5.32 -2.63
C ALA B 44 -21.25 5.75 -1.50
N THR B 45 -20.65 6.14 -0.37
CA THR B 45 -21.42 6.74 0.70
C THR B 45 -20.78 8.11 0.94
N THR B 46 -21.61 9.14 1.07
CA THR B 46 -21.06 10.48 1.16
C THR B 46 -21.82 11.33 2.19
N SER B 47 -21.37 12.57 2.37
CA SER B 47 -22.06 13.51 3.24
C SER B 47 -23.42 13.98 2.70
N ILE B 48 -23.68 13.72 1.42
CA ILE B 48 -24.98 14.04 0.84
C ILE B 48 -25.97 12.87 0.94
N SER B 49 -25.48 11.67 0.66
CA SER B 49 -26.37 10.50 0.60
C SER B 49 -25.60 9.18 0.71
N PRO B 50 -26.27 8.10 1.14
CA PRO B 50 -25.61 6.79 1.01
C PRO B 50 -25.78 6.24 -0.38
N ASP B 51 -26.62 6.88 -1.22
CA ASP B 51 -26.94 6.35 -2.53
CA ASP B 51 -26.92 6.34 -2.54
C ASP B 51 -26.22 7.20 -3.59
N ILE B 52 -25.26 6.61 -4.31
CA ILE B 52 -24.44 7.39 -5.26
C ILE B 52 -25.34 8.13 -6.27
N GLU B 53 -26.44 7.54 -6.73
CA GLU B 53 -27.32 8.24 -7.70
C GLU B 53 -27.99 9.49 -7.06
N SER B 54 -28.30 9.40 -5.77
CA SER B 54 -28.81 10.58 -5.05
C SER B 54 -27.71 11.62 -4.78
N THR B 55 -26.53 11.20 -4.34
CA THR B 55 -25.38 12.10 -4.32
C THR B 55 -25.30 12.86 -5.64
N TRP B 56 -25.33 12.13 -6.75
CA TRP B 56 -25.10 12.77 -8.05
C TRP B 56 -26.19 13.80 -8.31
N LYS B 57 -27.44 13.40 -8.06
CA LYS B 57 -28.56 14.31 -8.29
C LYS B 57 -28.40 15.56 -7.42
N GLY B 58 -28.01 15.35 -6.16
CA GLY B 58 -27.75 16.46 -5.25
C GLY B 58 -26.64 17.41 -5.68
N LEU B 59 -25.53 16.84 -6.18
CA LEU B 59 -24.45 17.61 -6.74
C LEU B 59 -24.93 18.49 -7.88
N LEU B 60 -25.66 17.89 -8.81
CA LEU B 60 -26.17 18.65 -9.94
C LEU B 60 -27.10 19.80 -9.52
N ALA B 61 -27.82 19.62 -8.42
CA ALA B 61 -28.76 20.64 -7.97
C ALA B 61 -28.08 21.69 -7.10
N GLY B 62 -26.77 21.57 -6.97
CA GLY B 62 -25.97 22.52 -6.23
C GLY B 62 -25.95 22.31 -4.73
N GLU B 63 -26.21 21.08 -4.27
CA GLU B 63 -26.20 20.80 -2.84
C GLU B 63 -24.79 20.64 -2.28
N SER B 64 -24.61 21.04 -1.03
CA SER B 64 -23.39 20.80 -0.26
C SER B 64 -23.62 19.77 0.85
N GLY B 65 -22.65 18.91 1.13
CA GLY B 65 -22.71 18.04 2.34
C GLY B 65 -22.06 18.63 3.57
N ILE B 66 -21.58 19.88 3.46
CA ILE B 66 -20.76 20.41 4.55
C ILE B 66 -21.69 21.15 5.54
N HIS B 67 -21.56 20.86 6.83
CA HIS B 67 -22.43 21.37 7.91
CA HIS B 67 -22.38 21.57 7.83
C HIS B 67 -21.59 21.89 9.10
N ALA B 68 -22.23 22.58 10.04
CA ALA B 68 -21.62 22.83 11.33
C ALA B 68 -21.45 21.46 11.99
N LEU B 69 -20.31 21.19 12.62
CA LEU B 69 -20.13 19.89 13.32
C LEU B 69 -20.80 20.00 14.68
N GLU B 70 -21.70 19.07 15.02
CA GLU B 70 -22.43 19.12 16.28
C GLU B 70 -21.80 18.23 17.36
N ASP B 71 -20.79 17.47 16.98
CA ASP B 71 -20.14 16.56 17.91
C ASP B 71 -19.69 17.25 19.19
N GLU B 72 -19.87 16.56 20.32
CA GLU B 72 -19.38 17.04 21.62
CA GLU B 72 -19.38 17.02 21.61
C GLU B 72 -17.87 17.25 21.61
N PHE B 73 -17.14 16.49 20.81
CA PHE B 73 -15.67 16.70 20.80
C PHE B 73 -15.25 18.12 20.37
N VAL B 74 -16.09 18.78 19.58
CA VAL B 74 -15.76 20.11 19.09
C VAL B 74 -15.71 21.10 20.24
N THR B 75 -16.73 21.05 21.11
CA THR B 75 -16.77 21.99 22.23
CA THR B 75 -16.79 21.96 22.25
C THR B 75 -15.86 21.52 23.37
N LYS B 76 -15.70 20.21 23.55
CA LYS B 76 -14.79 19.66 24.56
C LYS B 76 -13.37 20.18 24.38
N TRP B 77 -12.91 20.25 23.13
CA TRP B 77 -11.55 20.72 22.86
C TRP B 77 -11.46 22.16 22.33
N ASP B 78 -12.61 22.81 22.21
CA ASP B 78 -12.76 24.07 21.45
C ASP B 78 -11.91 24.11 20.16
N LEU B 79 -12.16 23.14 19.28
CA LEU B 79 -11.43 23.04 18.03
C LEU B 79 -11.59 24.31 17.19
N ALA B 80 -10.49 24.69 16.55
CA ALA B 80 -10.50 25.83 15.64
C ALA B 80 -11.38 25.53 14.43
N VAL B 81 -11.42 24.27 14.02
CA VAL B 81 -12.24 23.88 12.87
C VAL B 81 -13.55 23.31 13.39
N LYS B 82 -14.70 23.86 12.96
CA LYS B 82 -15.99 23.50 13.54
C LYS B 82 -16.98 23.14 12.44
N ILE B 83 -16.43 22.76 11.28
CA ILE B 83 -17.22 22.41 10.09
C ILE B 83 -16.73 21.12 9.45
N GLY B 84 -17.64 20.45 8.73
CA GLY B 84 -17.24 19.28 7.93
C GLY B 84 -18.49 18.54 7.48
N GLY B 85 -18.29 17.46 6.73
CA GLY B 85 -19.45 16.66 6.32
C GLY B 85 -19.35 15.23 6.83
N HIS B 86 -20.19 14.92 7.83
CA HIS B 86 -20.32 13.52 8.27
C HIS B 86 -21.14 12.81 7.19
N LEU B 87 -20.99 11.48 7.09
CA LEU B 87 -21.85 10.68 6.21
C LEU B 87 -23.31 10.97 6.53
N LYS B 88 -24.12 11.11 5.48
CA LYS B 88 -25.58 11.32 5.69
C LYS B 88 -26.15 10.11 6.42
N ASP B 89 -25.63 8.92 6.08
CA ASP B 89 -26.10 7.68 6.68
C ASP B 89 -24.89 6.95 7.28
N PRO B 90 -24.77 6.97 8.62
CA PRO B 90 -23.56 6.40 9.23
C PRO B 90 -23.38 4.92 8.94
N VAL B 91 -22.14 4.56 8.62
CA VAL B 91 -21.82 3.16 8.36
C VAL B 91 -22.37 2.21 9.44
N ASP B 92 -22.21 2.58 10.71
CA ASP B 92 -22.55 1.67 11.80
C ASP B 92 -24.06 1.52 12.02
N SER B 93 -24.90 2.30 11.33
CA SER B 93 -26.35 2.02 11.38
CA SER B 93 -26.35 2.03 11.35
C SER B 93 -26.66 0.71 10.67
N HIS B 94 -25.68 0.19 9.91
CA HIS B 94 -25.90 -1.02 9.13
C HIS B 94 -25.12 -2.22 9.71
N MET B 95 -24.49 -2.04 10.86
CA MET B 95 -23.50 -3.00 11.35
C MET B 95 -24.04 -3.79 12.55
N GLY B 96 -23.83 -5.11 12.57
CA GLY B 96 -24.18 -5.92 13.74
C GLY B 96 -23.24 -5.72 14.93
N ARG B 97 -23.66 -6.20 16.09
CA ARG B 97 -22.90 -6.09 17.34
CA ARG B 97 -22.85 -5.95 17.27
C ARG B 97 -21.51 -6.71 17.24
N LEU B 98 -21.45 -7.87 16.60
CA LEU B 98 -20.20 -8.62 16.48
C LEU B 98 -19.21 -7.82 15.60
N ASP B 99 -19.70 -7.29 14.49
CA ASP B 99 -18.82 -6.53 13.59
C ASP B 99 -18.27 -5.27 14.30
N MET B 100 -19.10 -4.64 15.10
CA MET B 100 -18.67 -3.45 15.81
C MET B 100 -17.49 -3.73 16.74
N ARG B 101 -17.37 -4.96 17.22
CA ARG B 101 -16.31 -5.33 18.13
CA ARG B 101 -16.30 -5.33 18.13
C ARG B 101 -15.12 -5.99 17.42
N ARG B 102 -15.33 -6.58 16.23
CA ARG B 102 -14.30 -7.42 15.63
C ARG B 102 -13.77 -6.94 14.27
N MET B 103 -14.24 -5.77 13.83
CA MET B 103 -13.70 -5.10 12.65
C MET B 103 -13.36 -3.68 13.06
N SER B 104 -12.35 -3.09 12.41
CA SER B 104 -12.18 -1.65 12.51
C SER B 104 -13.21 -0.91 11.67
N TYR B 105 -13.27 0.41 11.84
CA TYR B 105 -14.26 1.21 11.11
C TYR B 105 -14.06 1.08 9.57
N VAL B 106 -12.80 1.13 9.11
CA VAL B 106 -12.60 1.08 7.65
C VAL B 106 -12.97 -0.32 7.12
N GLN B 107 -12.78 -1.36 7.92
CA GLN B 107 -13.27 -2.70 7.55
C GLN B 107 -14.79 -2.74 7.45
N ARG B 108 -15.44 -2.12 8.43
CA ARG B 108 -16.92 -2.10 8.39
C ARG B 108 -17.40 -1.34 7.15
N MET B 109 -16.76 -0.20 6.86
CA MET B 109 -17.13 0.56 5.65
C MET B 109 -16.87 -0.32 4.42
N GLY B 110 -15.76 -1.05 4.41
CA GLY B 110 -15.41 -1.86 3.24
C GLY B 110 -16.40 -3.01 3.03
N LYS B 111 -16.82 -3.64 4.13
CA LYS B 111 -17.82 -4.69 4.07
C LYS B 111 -19.15 -4.12 3.54
N LEU B 112 -19.58 -2.97 4.08
CA LEU B 112 -20.87 -2.38 3.66
C LEU B 112 -20.83 -2.06 2.15
N LEU B 113 -19.75 -1.38 1.71
CA LEU B 113 -19.65 -0.93 0.31
C LEU B 113 -19.45 -2.11 -0.64
N GLY B 114 -18.67 -3.11 -0.22
CA GLY B 114 -18.39 -4.23 -1.14
C GLY B 114 -19.68 -5.00 -1.39
N GLY B 115 -20.50 -5.17 -0.34
CA GLY B 115 -21.77 -5.89 -0.49
C GLY B 115 -22.70 -5.07 -1.38
N GLN B 116 -22.75 -3.76 -1.15
CA GLN B 116 -23.62 -2.94 -2.02
C GLN B 116 -23.21 -2.93 -3.50
N LEU B 117 -21.90 -2.80 -3.76
CA LEU B 117 -21.37 -2.86 -5.12
C LEU B 117 -21.73 -4.19 -5.77
N TRP B 118 -21.50 -5.31 -5.07
CA TRP B 118 -21.77 -6.61 -5.69
C TRP B 118 -23.26 -6.80 -6.07
N GLU B 119 -24.16 -6.36 -5.19
CA GLU B 119 -25.60 -6.40 -5.51
CA GLU B 119 -25.59 -6.37 -5.48
C GLU B 119 -25.92 -5.50 -6.71
N SER B 120 -25.30 -4.32 -6.76
CA SER B 120 -25.53 -3.42 -7.89
C SER B 120 -25.07 -4.01 -9.21
N ALA B 121 -24.01 -4.82 -9.15
CA ALA B 121 -23.46 -5.49 -10.32
C ALA B 121 -24.26 -6.73 -10.68
N GLY B 122 -25.33 -7.00 -9.94
CA GLY B 122 -26.19 -8.18 -10.24
C GLY B 122 -25.62 -9.46 -9.62
N SER B 123 -24.76 -9.33 -8.62
CA SER B 123 -24.19 -10.47 -7.88
C SER B 123 -23.60 -11.52 -8.82
N PRO B 124 -22.66 -11.12 -9.69
CA PRO B 124 -22.29 -12.05 -10.77
C PRO B 124 -21.41 -13.18 -10.21
N GLU B 125 -21.41 -14.32 -10.89
CA GLU B 125 -20.59 -15.47 -10.45
C GLU B 125 -19.35 -15.41 -11.34
N VAL B 126 -18.25 -14.88 -10.78
CA VAL B 126 -17.01 -14.70 -11.57
C VAL B 126 -16.05 -15.82 -11.20
N ASP B 127 -14.96 -15.97 -11.97
CA ASP B 127 -13.94 -16.98 -11.65
C ASP B 127 -13.11 -16.32 -10.54
N PRO B 128 -13.14 -16.89 -9.34
CA PRO B 128 -12.39 -16.22 -8.26
C PRO B 128 -10.91 -16.04 -8.60
N ASP B 129 -10.34 -17.00 -9.32
CA ASP B 129 -8.91 -16.94 -9.63
C ASP B 129 -8.61 -15.86 -10.67
N ARG B 130 -9.64 -15.18 -11.19
CA ARG B 130 -9.38 -14.07 -12.09
C ARG B 130 -9.91 -12.75 -11.52
N PHE B 131 -10.19 -12.71 -10.21
CA PHE B 131 -10.85 -11.57 -9.58
C PHE B 131 -9.90 -11.01 -8.51
N ALA B 132 -9.58 -9.71 -8.57
CA ALA B 132 -8.64 -9.04 -7.65
C ALA B 132 -9.46 -7.97 -6.93
N VAL B 133 -8.89 -7.50 -5.83
CA VAL B 133 -9.46 -6.39 -5.07
C VAL B 133 -8.29 -5.45 -4.84
N VAL B 134 -8.51 -4.15 -5.09
CA VAL B 134 -7.45 -3.16 -4.77
C VAL B 134 -8.15 -1.96 -4.09
N VAL B 135 -7.91 -1.77 -2.80
CA VAL B 135 -8.63 -0.75 -2.04
C VAL B 135 -7.60 0.02 -1.19
N GLY B 136 -7.49 1.33 -1.41
CA GLY B 136 -6.55 2.20 -0.70
C GLY B 136 -7.24 2.79 0.52
N THR B 137 -6.42 3.26 1.47
CA THR B 137 -6.97 3.98 2.63
C THR B 137 -5.80 4.79 3.14
N GLY B 138 -6.08 5.82 3.95
CA GLY B 138 -4.96 6.68 4.37
C GLY B 138 -4.16 6.08 5.51
N LEU B 139 -4.83 5.38 6.42
CA LEU B 139 -4.14 4.92 7.64
C LEU B 139 -4.47 3.48 8.01
N GLY B 140 -5.76 3.16 8.06
CA GLY B 140 -6.15 1.77 8.45
C GLY B 140 -6.99 1.79 9.73
N GLY B 141 -6.89 0.72 10.52
CA GLY B 141 -7.74 0.56 11.73
C GLY B 141 -7.13 1.25 12.94
N ALA B 142 -6.84 2.55 12.83
CA ALA B 142 -6.04 3.19 13.85
C ALA B 142 -6.74 3.38 15.19
N GLU B 143 -8.07 3.41 15.22
CA GLU B 143 -8.77 3.53 16.51
C GLU B 143 -8.51 2.29 17.36
N ARG B 144 -8.18 1.18 16.71
CA ARG B 144 -7.88 -0.05 17.44
C ARG B 144 -6.46 0.01 18.01
N ILE B 145 -5.59 0.83 17.39
CA ILE B 145 -4.25 1.04 17.99
C ILE B 145 -4.41 1.70 19.34
N VAL B 146 -5.10 2.83 19.33
CA VAL B 146 -5.22 3.58 20.60
C VAL B 146 -6.02 2.78 21.60
N GLU B 147 -7.01 2.03 21.13
CA GLU B 147 -7.77 1.21 22.09
C GLU B 147 -6.92 0.11 22.73
N SER B 148 -6.09 -0.55 21.91
CA SER B 148 -5.21 -1.63 22.39
C SER B 148 -4.21 -1.07 23.39
N TYR B 149 -3.65 0.10 23.07
CA TYR B 149 -2.73 0.83 23.94
C TYR B 149 -3.36 1.14 25.28
N ASP B 150 -4.55 1.73 25.28
CA ASP B 150 -5.23 1.98 26.58
C ASP B 150 -5.54 0.70 27.37
N LEU B 151 -5.98 -0.33 26.65
CA LEU B 151 -6.37 -1.58 27.32
C LEU B 151 -5.15 -2.24 27.98
N MET B 152 -4.03 -2.23 27.26
CA MET B 152 -2.83 -2.79 27.88
C MET B 152 -2.32 -1.91 29.02
N ASN B 153 -2.32 -0.60 28.84
CA ASN B 153 -1.86 0.26 29.94
C ASN B 153 -2.68 0.04 31.20
N ALA B 154 -3.99 -0.12 31.04
CA ALA B 154 -4.88 -0.32 32.20
C ALA B 154 -4.81 -1.73 32.80
N GLY B 155 -4.69 -2.75 31.95
CA GLY B 155 -4.89 -4.13 32.42
C GLY B 155 -3.79 -5.13 32.09
N GLY B 156 -2.78 -4.70 31.35
CA GLY B 156 -1.71 -5.61 30.96
C GLY B 156 -1.86 -6.22 29.58
N PRO B 157 -0.84 -6.98 29.16
CA PRO B 157 -0.79 -7.49 27.79
C PRO B 157 -1.87 -8.51 27.46
N ARG B 158 -2.46 -9.17 28.46
CA ARG B 158 -3.50 -10.13 28.18
C ARG B 158 -4.88 -9.51 28.00
N LYS B 159 -4.96 -8.18 28.05
CA LYS B 159 -6.24 -7.52 27.77
C LYS B 159 -6.38 -7.06 26.31
N VAL B 160 -5.30 -7.19 25.53
CA VAL B 160 -5.33 -6.75 24.14
C VAL B 160 -6.17 -7.77 23.37
N SER B 161 -6.99 -7.32 22.42
CA SER B 161 -7.83 -8.28 21.70
C SER B 161 -7.00 -9.25 20.84
N PRO B 162 -7.42 -10.52 20.77
CA PRO B 162 -6.83 -11.47 19.79
C PRO B 162 -7.09 -11.09 18.37
N LEU B 163 -8.04 -10.17 18.16
CA LEU B 163 -8.32 -9.69 16.80
C LEU B 163 -7.64 -8.34 16.52
N ALA B 164 -6.84 -7.82 17.46
CA ALA B 164 -6.28 -6.49 17.23
C ALA B 164 -5.42 -6.40 15.98
N VAL B 165 -4.51 -7.37 15.75
CA VAL B 165 -3.65 -7.23 14.56
C VAL B 165 -4.49 -7.14 13.29
N GLN B 166 -5.46 -8.03 13.14
CA GLN B 166 -6.17 -8.06 11.86
C GLN B 166 -7.12 -6.89 11.70
N MET B 167 -7.51 -6.24 12.78
CA MET B 167 -8.28 -4.99 12.68
C MET B 167 -7.41 -3.77 12.39
N ILE B 168 -6.18 -3.80 12.89
CA ILE B 168 -5.29 -2.63 12.76
C ILE B 168 -4.62 -2.59 11.39
N MET B 169 -4.15 -3.74 10.93
CA MET B 169 -3.32 -3.76 9.68
C MET B 169 -3.98 -2.95 8.56
N PRO B 170 -3.23 -2.10 7.85
CA PRO B 170 -3.84 -1.20 6.87
C PRO B 170 -4.38 -1.90 5.62
N ASN B 171 -3.94 -3.14 5.34
CA ASN B 171 -4.53 -3.98 4.31
C ASN B 171 -5.85 -4.60 4.78
N GLY B 172 -6.26 -4.35 6.04
CA GLY B 172 -7.49 -4.96 6.63
C GLY B 172 -8.75 -4.76 5.81
N ALA B 173 -9.02 -3.52 5.35
CA ALA B 173 -10.27 -3.29 4.63
C ALA B 173 -10.28 -4.08 3.30
N ALA B 174 -9.18 -3.98 2.54
CA ALA B 174 -9.08 -4.69 1.26
C ALA B 174 -9.23 -6.20 1.48
N ALA B 175 -8.60 -6.70 2.54
CA ALA B 175 -8.68 -8.11 2.84
C ALA B 175 -10.09 -8.57 3.21
N VAL B 176 -10.81 -7.70 3.93
CA VAL B 176 -12.20 -8.05 4.30
C VAL B 176 -13.03 -8.16 3.03
N ILE B 177 -12.85 -7.21 2.12
CA ILE B 177 -13.64 -7.24 0.89
C ILE B 177 -13.25 -8.43 0.02
N GLY B 178 -11.95 -8.74 -0.02
CA GLY B 178 -11.53 -9.91 -0.81
C GLY B 178 -12.08 -11.20 -0.27
N LEU B 179 -12.12 -11.33 1.05
CA LEU B 179 -12.72 -12.55 1.61
CA LEU B 179 -12.74 -12.52 1.65
C LEU B 179 -14.24 -12.59 1.44
N GLN B 180 -14.89 -11.46 1.61
CA GLN B 180 -16.34 -11.37 1.46
C GLN B 180 -16.75 -11.76 0.04
N LEU B 181 -16.04 -11.28 -0.97
CA LEU B 181 -16.50 -11.46 -2.36
C LEU B 181 -15.78 -12.62 -3.06
N GLY B 182 -14.70 -13.15 -2.46
CA GLY B 182 -14.10 -14.37 -3.01
C GLY B 182 -12.97 -14.08 -4.01
N ALA B 183 -12.18 -13.02 -3.79
CA ALA B 183 -11.16 -12.62 -4.80
C ALA B 183 -9.86 -13.37 -4.57
N ARG B 184 -9.41 -14.13 -5.57
CA ARG B 184 -8.19 -14.97 -5.44
C ARG B 184 -7.09 -14.58 -6.42
N ALA B 185 -7.28 -13.48 -7.17
CA ALA B 185 -6.22 -13.02 -8.06
C ALA B 185 -5.45 -11.83 -7.48
N GLY B 186 -5.47 -11.64 -6.15
CA GLY B 186 -4.61 -10.60 -5.56
C GLY B 186 -5.53 -9.62 -4.79
N VAL B 187 -5.09 -9.23 -3.60
CA VAL B 187 -5.78 -8.21 -2.81
C VAL B 187 -4.70 -7.22 -2.38
N MET B 188 -4.82 -6.00 -2.91
CA MET B 188 -3.76 -5.01 -2.74
CA MET B 188 -3.75 -5.01 -2.76
C MET B 188 -4.26 -3.73 -2.09
N THR B 189 -3.38 -3.13 -1.28
CA THR B 189 -3.66 -1.87 -0.62
C THR B 189 -2.47 -0.92 -0.91
N PRO B 190 -2.64 -0.01 -1.89
CA PRO B 190 -1.62 1.02 -2.09
C PRO B 190 -1.91 2.17 -1.14
N VAL B 191 -0.88 2.66 -0.49
CA VAL B 191 -1.06 3.78 0.43
CA VAL B 191 -1.10 3.79 0.41
C VAL B 191 -0.27 4.97 -0.10
N SER B 192 -0.95 6.07 -0.40
CA SER B 192 -0.28 7.29 -0.89
C SER B 192 -1.07 8.50 -0.36
N ALA B 193 -1.51 8.39 0.89
CA ALA B 193 -2.22 9.50 1.59
C ALA B 193 -3.40 9.92 0.71
N GLN B 194 -3.51 11.21 0.35
CA GLN B 194 -4.76 11.67 -0.25
C GLN B 194 -4.95 11.18 -1.68
N SER B 195 -3.94 10.56 -2.26
CA SER B 195 -4.18 9.97 -3.61
C SER B 195 -4.48 8.45 -3.58
N SER B 196 -4.57 7.84 -2.40
CA SER B 196 -4.67 6.37 -2.31
C SER B 196 -5.85 5.80 -3.08
N GLY B 197 -6.98 6.50 -3.08
CA GLY B 197 -8.20 5.91 -3.67
C GLY B 197 -8.14 5.82 -5.17
N SER B 198 -7.49 6.82 -5.77
CA SER B 198 -7.22 6.79 -7.22
C SER B 198 -6.09 5.81 -7.50
N GLU B 199 -5.05 5.81 -6.66
CA GLU B 199 -3.96 4.88 -6.94
C GLU B 199 -4.48 3.42 -6.96
N ALA B 200 -5.46 3.10 -6.11
CA ALA B 200 -6.02 1.74 -6.06
C ALA B 200 -6.61 1.38 -7.42
N ILE B 201 -7.36 2.33 -7.99
CA ILE B 201 -7.97 2.05 -9.30
C ILE B 201 -6.86 1.92 -10.35
N ALA B 202 -5.83 2.77 -10.28
CA ALA B 202 -4.67 2.57 -11.19
C ALA B 202 -4.09 1.17 -11.14
N HIS B 203 -3.79 0.69 -9.95
CA HIS B 203 -3.19 -0.65 -9.86
C HIS B 203 -4.15 -1.74 -10.24
N ALA B 204 -5.45 -1.58 -10.00
CA ALA B 204 -6.44 -2.57 -10.51
C ALA B 204 -6.41 -2.64 -12.02
N TRP B 205 -6.32 -1.46 -12.65
CA TRP B 205 -6.23 -1.41 -14.11
C TRP B 205 -4.95 -2.12 -14.54
N ARG B 206 -3.82 -1.85 -13.87
CA ARG B 206 -2.58 -2.57 -14.26
C ARG B 206 -2.71 -4.09 -14.11
N GLN B 207 -3.38 -4.53 -13.06
CA GLN B 207 -3.51 -5.96 -12.75
CA GLN B 207 -3.42 -5.96 -12.84
C GLN B 207 -4.29 -6.60 -13.90
N ILE B 208 -5.26 -5.89 -14.43
CA ILE B 208 -6.02 -6.52 -15.54
C ILE B 208 -5.24 -6.44 -16.86
N VAL B 209 -4.64 -5.29 -17.17
CA VAL B 209 -4.02 -5.22 -18.50
C VAL B 209 -2.74 -6.09 -18.54
N MET B 210 -2.09 -6.39 -17.40
CA MET B 210 -0.91 -7.28 -17.33
CA MET B 210 -0.92 -7.27 -17.45
C MET B 210 -1.35 -8.74 -17.38
N GLY B 211 -2.66 -8.97 -17.30
CA GLY B 211 -3.13 -10.36 -17.47
C GLY B 211 -3.35 -11.15 -16.17
N ASP B 212 -3.18 -10.49 -15.04
CA ASP B 212 -3.37 -11.16 -13.74
C ASP B 212 -4.82 -11.29 -13.26
N ALA B 213 -5.75 -10.54 -13.85
CA ALA B 213 -7.17 -10.59 -13.46
C ALA B 213 -8.00 -10.16 -14.66
N ASP B 214 -9.27 -10.55 -14.68
CA ASP B 214 -10.22 -10.06 -15.66
C ASP B 214 -11.27 -9.12 -15.06
N VAL B 215 -11.33 -9.06 -13.72
CA VAL B 215 -12.35 -8.31 -13.01
C VAL B 215 -11.76 -7.87 -11.69
N ALA B 216 -12.06 -6.64 -11.29
CA ALA B 216 -11.51 -6.17 -10.01
C ALA B 216 -12.48 -5.22 -9.31
N VAL B 217 -12.52 -5.31 -7.98
CA VAL B 217 -13.23 -4.30 -7.19
C VAL B 217 -12.19 -3.34 -6.70
N CYS B 218 -12.37 -2.04 -6.90
CA CYS B 218 -11.29 -1.13 -6.48
C CYS B 218 -11.85 0.19 -6.01
N GLY B 219 -11.08 0.89 -5.20
CA GLY B 219 -11.54 2.20 -4.73
C GLY B 219 -10.84 2.50 -3.42
N GLY B 220 -11.58 3.13 -2.50
CA GLY B 220 -10.93 3.70 -1.31
C GLY B 220 -11.93 3.82 -0.17
N VAL B 221 -11.48 3.59 1.06
CA VAL B 221 -12.28 3.85 2.27
C VAL B 221 -11.48 4.72 3.22
N GLU B 222 -12.14 5.33 4.20
CA GLU B 222 -11.42 6.22 5.09
C GLU B 222 -12.25 6.33 6.36
N GLY B 223 -11.58 6.70 7.45
CA GLY B 223 -12.34 6.84 8.69
C GLY B 223 -13.19 8.10 8.72
N PRO B 224 -13.89 8.31 9.84
CA PRO B 224 -14.77 9.48 10.00
C PRO B 224 -14.03 10.66 10.61
N ILE B 225 -14.69 11.82 10.60
CA ILE B 225 -14.16 13.02 11.21
C ILE B 225 -14.13 12.83 12.74
N GLU B 226 -12.97 13.04 13.35
CA GLU B 226 -12.87 12.94 14.79
C GLU B 226 -11.93 14.00 15.31
N ALA B 227 -11.82 14.09 16.64
CA ALA B 227 -11.07 15.20 17.25
C ALA B 227 -9.56 15.14 16.92
N LEU B 228 -8.93 14.00 17.09
CA LEU B 228 -7.49 13.89 16.87
C LEU B 228 -7.05 14.11 15.42
N PRO B 229 -7.80 13.54 14.42
CA PRO B 229 -7.55 13.88 13.02
C PRO B 229 -7.68 15.38 12.73
N ILE B 230 -8.77 15.99 13.20
CA ILE B 230 -8.88 17.44 13.02
C ILE B 230 -7.68 18.16 13.67
N ALA B 231 -7.29 17.81 14.90
CA ALA B 231 -6.17 18.51 15.56
C ALA B 231 -4.87 18.42 14.75
N ALA B 232 -4.58 17.23 14.24
CA ALA B 232 -3.32 16.98 13.52
C ALA B 232 -3.29 17.74 12.18
N PHE B 233 -4.35 17.66 11.39
CA PHE B 233 -4.40 18.45 10.16
C PHE B 233 -4.47 19.95 10.42
N SER B 234 -5.24 20.38 11.43
CA SER B 234 -5.33 21.81 11.60
C SER B 234 -4.05 22.44 12.16
N MET B 235 -3.21 21.65 12.86
CA MET B 235 -1.89 22.15 13.27
C MET B 235 -0.92 22.39 12.10
N MET B 236 -1.25 21.86 10.94
CA MET B 236 -0.57 22.16 9.67
C MET B 236 -1.03 23.46 9.01
N ARG B 237 -2.08 24.04 9.56
CA ARG B 237 -2.54 25.35 9.14
CA ARG B 237 -2.67 25.32 9.17
C ARG B 237 -3.16 25.36 7.73
N ALA B 238 -3.68 24.23 7.27
CA ALA B 238 -4.18 24.09 5.90
C ALA B 238 -5.71 23.99 5.83
N MET B 239 -6.39 24.02 6.97
CA MET B 239 -7.85 23.83 6.96
C MET B 239 -8.59 25.16 6.97
N SER B 240 -9.71 25.20 6.24
CA SER B 240 -10.63 26.32 6.33
C SER B 240 -11.17 26.44 7.76
N THR B 241 -11.29 27.67 8.24
CA THR B 241 -11.99 27.90 9.49
C THR B 241 -13.14 28.88 9.31
N ARG B 242 -13.78 28.80 8.15
CA ARG B 242 -14.97 29.60 7.87
C ARG B 242 -16.19 29.00 8.53
N ASN B 243 -16.19 29.03 9.86
CA ASN B 243 -17.15 28.24 10.63
C ASN B 243 -18.57 28.81 10.60
N ASP B 244 -18.66 30.11 10.32
CA ASP B 244 -19.87 30.92 10.18
CA ASP B 244 -19.98 30.74 10.32
C ASP B 244 -20.79 30.46 9.04
N GLU B 245 -20.15 29.97 7.97
CA GLU B 245 -20.89 29.62 6.74
C GLU B 245 -20.36 28.31 6.16
N PRO B 246 -20.77 27.18 6.75
CA PRO B 246 -20.01 25.96 6.43
C PRO B 246 -20.11 25.54 4.95
N GLU B 247 -21.27 25.77 4.32
CA GLU B 247 -21.42 25.37 2.92
C GLU B 247 -20.60 26.28 1.99
N ARG B 248 -20.13 27.43 2.50
CA ARG B 248 -19.34 28.38 1.72
C ARG B 248 -17.84 28.20 1.93
N ALA B 249 -17.45 27.27 2.81
CA ALA B 249 -16.06 27.24 3.27
C ALA B 249 -15.07 26.66 2.22
N SER B 250 -15.50 25.62 1.52
CA SER B 250 -14.61 24.88 0.62
C SER B 250 -14.68 25.55 -0.76
N ARG B 251 -13.62 26.25 -1.17
CA ARG B 251 -13.69 27.12 -2.34
C ARG B 251 -12.59 26.83 -3.36
N PRO B 252 -12.50 25.58 -3.86
CA PRO B 252 -11.37 25.29 -4.78
C PRO B 252 -11.32 26.27 -5.96
N PHE B 253 -10.10 26.68 -6.30
CA PHE B 253 -9.80 27.63 -7.36
C PHE B 253 -10.33 29.06 -7.22
N ASP B 254 -11.09 29.29 -6.14
CA ASP B 254 -11.61 30.65 -5.88
C ASP B 254 -10.51 31.50 -5.33
N LYS B 255 -10.56 32.79 -5.67
CA LYS B 255 -9.57 33.71 -5.21
C LYS B 255 -9.48 33.83 -3.70
N ASP B 256 -10.59 33.61 -2.98
CA ASP B 256 -10.70 33.77 -1.54
C ASP B 256 -10.67 32.46 -0.78
N ARG B 257 -10.22 31.39 -1.44
CA ARG B 257 -10.10 30.10 -0.74
C ARG B 257 -9.18 30.20 0.48
N ASP B 258 -9.45 29.40 1.50
CA ASP B 258 -8.67 29.48 2.74
C ASP B 258 -8.43 28.10 3.33
N GLY B 259 -8.37 27.08 2.48
CA GLY B 259 -7.92 25.76 2.95
C GLY B 259 -9.01 24.71 2.75
N PHE B 260 -8.72 23.48 3.14
CA PHE B 260 -9.64 22.41 2.77
C PHE B 260 -10.64 22.14 3.89
N VAL B 261 -11.66 21.35 3.55
CA VAL B 261 -12.73 20.95 4.52
C VAL B 261 -12.90 19.44 4.48
N PHE B 262 -13.00 18.78 5.63
CA PHE B 262 -13.19 17.33 5.67
C PHE B 262 -14.61 17.03 5.23
N GLY B 263 -14.76 15.96 4.46
CA GLY B 263 -16.09 15.51 4.09
C GLY B 263 -15.95 14.00 3.98
N GLU B 264 -16.65 13.26 4.83
CA GLU B 264 -16.52 11.78 4.84
C GLU B 264 -17.02 11.11 3.57
N ALA B 265 -16.37 9.99 3.22
CA ALA B 265 -16.83 9.18 2.08
C ALA B 265 -16.17 7.83 2.09
N GLY B 266 -16.72 6.95 1.27
CA GLY B 266 -16.00 5.76 0.82
C GLY B 266 -16.58 5.49 -0.57
N ALA B 267 -15.80 4.88 -1.46
CA ALA B 267 -16.27 4.56 -2.79
C ALA B 267 -15.54 3.37 -3.38
N LEU B 268 -16.29 2.52 -4.08
CA LEU B 268 -15.72 1.39 -4.83
C LEU B 268 -16.33 1.37 -6.23
N MET B 269 -15.58 0.83 -7.19
CA MET B 269 -16.19 0.56 -8.50
C MET B 269 -15.80 -0.84 -8.92
N LEU B 270 -16.58 -1.44 -9.83
CA LEU B 270 -16.22 -2.71 -10.43
C LEU B 270 -15.70 -2.45 -11.82
N ILE B 271 -14.50 -2.94 -12.11
CA ILE B 271 -13.93 -2.83 -13.46
C ILE B 271 -13.69 -4.24 -14.00
N GLU B 272 -13.76 -4.40 -15.31
CA GLU B 272 -13.55 -5.74 -15.85
C GLU B 272 -13.19 -5.56 -17.33
N THR B 273 -12.60 -6.58 -17.95
CA THR B 273 -12.39 -6.48 -19.39
C THR B 273 -13.73 -6.34 -20.12
N GLU B 274 -13.71 -5.64 -21.24
CA GLU B 274 -14.94 -5.48 -22.02
C GLU B 274 -15.53 -6.84 -22.46
N GLU B 275 -14.65 -7.77 -22.80
CA GLU B 275 -15.04 -9.14 -23.10
C GLU B 275 -15.75 -9.84 -21.93
N HIS B 276 -15.20 -9.69 -20.73
CA HIS B 276 -15.80 -10.23 -19.52
C HIS B 276 -17.22 -9.65 -19.28
N ALA B 277 -17.33 -8.33 -19.40
CA ALA B 277 -18.63 -7.66 -19.25
C ALA B 277 -19.63 -8.13 -20.28
N LYS B 278 -19.24 -8.16 -21.55
CA LYS B 278 -20.15 -8.62 -22.61
CA LYS B 278 -20.15 -8.62 -22.61
C LYS B 278 -20.64 -10.04 -22.36
N ALA B 279 -19.74 -10.93 -21.91
CA ALA B 279 -20.09 -12.32 -21.66
C ALA B 279 -21.17 -12.48 -20.59
N ARG B 280 -21.24 -11.57 -19.61
CA ARG B 280 -22.24 -11.70 -18.54
C ARG B 280 -23.41 -10.75 -18.73
N GLY B 281 -23.39 -9.98 -19.81
CA GLY B 281 -24.47 -9.02 -20.07
C GLY B 281 -24.46 -7.76 -19.24
N ALA B 282 -23.30 -7.39 -18.69
CA ALA B 282 -23.20 -6.16 -17.89
C ALA B 282 -23.15 -4.93 -18.81
N LYS B 283 -23.88 -3.86 -18.47
CA LYS B 283 -23.85 -2.64 -19.27
CA LYS B 283 -23.87 -2.64 -19.26
C LYS B 283 -22.79 -1.70 -18.72
N PRO B 284 -21.73 -1.42 -19.51
CA PRO B 284 -20.72 -0.50 -18.99
C PRO B 284 -21.22 0.93 -18.69
N LEU B 285 -20.68 1.52 -17.62
CA LEU B 285 -20.91 2.92 -17.33
CA LEU B 285 -20.89 2.93 -17.31
C LEU B 285 -19.90 3.85 -18.02
N ALA B 286 -18.70 3.34 -18.34
CA ALA B 286 -17.59 4.12 -18.89
C ALA B 286 -16.45 3.16 -19.17
N ARG B 287 -15.38 3.66 -19.76
CA ARG B 287 -14.13 2.88 -19.98
C ARG B 287 -13.05 3.46 -19.10
N LEU B 288 -12.22 2.58 -18.52
CA LEU B 288 -11.05 3.09 -17.83
C LEU B 288 -9.88 2.82 -18.78
N LEU B 289 -9.29 3.88 -19.32
CA LEU B 289 -8.39 3.81 -20.48
C LEU B 289 -6.91 3.76 -20.09
N GLY B 290 -6.52 4.36 -18.95
CA GLY B 290 -5.09 4.43 -18.66
C GLY B 290 -4.85 5.13 -17.35
N ALA B 291 -3.65 4.97 -16.77
CA ALA B 291 -3.34 5.53 -15.44
C ALA B 291 -1.91 5.98 -15.41
N GLY B 292 -1.65 7.13 -14.82
CA GLY B 292 -0.28 7.59 -14.71
C GLY B 292 0.04 7.80 -13.24
N ILE B 293 1.19 7.26 -12.82
CA ILE B 293 1.69 7.53 -11.45
C ILE B 293 3.12 8.14 -11.46
N THR B 294 3.32 9.31 -10.86
CA THR B 294 4.66 9.91 -10.78
C THR B 294 4.84 10.42 -9.36
N SER B 295 5.96 11.10 -9.08
CA SER B 295 6.16 11.68 -7.78
C SER B 295 6.97 12.95 -7.90
N ASP B 296 6.84 13.86 -6.93
CA ASP B 296 7.45 15.21 -7.12
C ASP B 296 8.95 15.29 -6.75
N ALA B 297 9.33 14.48 -5.77
CA ALA B 297 10.56 14.72 -4.99
C ALA B 297 10.82 16.22 -4.73
N PHE B 298 9.85 16.83 -4.07
CA PHE B 298 9.95 18.26 -3.80
C PHE B 298 9.81 18.53 -2.29
N HIS B 299 8.67 18.20 -1.71
CA HIS B 299 8.44 18.46 -0.28
C HIS B 299 7.47 17.43 0.25
N MET B 300 7.60 17.05 1.52
CA MET B 300 6.69 16.04 2.08
CA MET B 300 6.70 16.07 2.10
C MET B 300 5.23 16.51 2.10
N VAL B 301 4.97 17.78 2.37
CA VAL B 301 3.56 18.21 2.49
C VAL B 301 3.22 19.50 1.70
N ALA B 302 3.99 19.78 0.66
CA ALA B 302 3.57 20.81 -0.31
C ALA B 302 3.81 20.21 -1.68
N PRO B 303 2.88 20.45 -2.63
CA PRO B 303 3.10 20.02 -4.00
C PRO B 303 4.07 20.94 -4.70
N ALA B 304 4.79 20.39 -5.68
CA ALA B 304 5.74 21.23 -6.43
C ALA B 304 5.01 22.38 -7.11
N ALA B 305 5.48 23.61 -6.94
CA ALA B 305 4.76 24.76 -7.51
C ALA B 305 4.64 24.67 -9.05
N ASP B 306 5.65 24.08 -9.70
CA ASP B 306 5.70 24.09 -11.17
C ASP B 306 4.68 23.12 -11.80
N GLY B 307 4.11 22.22 -10.98
CA GLY B 307 3.13 21.25 -11.52
C GLY B 307 3.71 20.23 -12.53
N VAL B 308 5.04 20.20 -12.69
CA VAL B 308 5.64 19.41 -13.78
C VAL B 308 5.39 17.89 -13.67
N ARG B 309 5.82 17.31 -12.54
CA ARG B 309 5.64 15.85 -12.38
C ARG B 309 4.15 15.52 -12.25
N ALA B 310 3.35 16.40 -11.62
CA ALA B 310 1.88 16.14 -11.59
C ALA B 310 1.31 16.12 -13.03
N GLY B 311 1.69 17.10 -13.86
CA GLY B 311 1.25 17.11 -15.27
C GLY B 311 1.73 15.84 -15.98
N ARG B 312 2.94 15.36 -15.67
CA ARG B 312 3.45 14.17 -16.35
C ARG B 312 2.60 12.94 -15.95
N ALA B 313 2.04 12.89 -14.74
CA ALA B 313 1.10 11.82 -14.40
C ALA B 313 -0.10 11.83 -15.37
N MET B 314 -0.62 13.02 -15.64
CA MET B 314 -1.73 13.13 -16.58
C MET B 314 -1.25 12.71 -17.97
N THR B 315 -0.10 13.23 -18.40
CA THR B 315 0.44 12.82 -19.72
C THR B 315 0.61 11.29 -19.83
N ARG B 316 1.15 10.66 -18.79
CA ARG B 316 1.33 9.20 -18.85
C ARG B 316 0.00 8.47 -19.01
N SER B 317 -1.05 8.96 -18.32
CA SER B 317 -2.36 8.29 -18.44
C SER B 317 -2.84 8.41 -19.89
N LEU B 318 -2.54 9.55 -20.53
CA LEU B 318 -2.88 9.75 -21.94
C LEU B 318 -2.09 8.80 -22.86
N GLU B 319 -0.79 8.71 -22.60
CA GLU B 319 0.06 7.83 -23.43
C GLU B 319 -0.45 6.40 -23.36
N LEU B 320 -0.80 5.95 -22.17
CA LEU B 320 -1.26 4.54 -22.02
C LEU B 320 -2.68 4.33 -22.63
N ALA B 321 -3.48 5.40 -22.58
CA ALA B 321 -4.80 5.38 -23.19
C ALA B 321 -4.70 5.40 -24.71
N GLY B 322 -3.67 6.06 -25.24
CA GLY B 322 -3.57 6.32 -26.69
C GLY B 322 -4.30 7.61 -27.05
N LEU B 323 -4.39 8.56 -26.12
CA LEU B 323 -5.05 9.85 -26.34
C LEU B 323 -4.03 10.98 -26.46
N SER B 324 -4.39 12.08 -27.11
CA SER B 324 -3.60 13.30 -26.93
C SER B 324 -4.29 14.36 -26.07
N PRO B 325 -3.51 15.29 -25.46
CA PRO B 325 -4.17 16.33 -24.66
C PRO B 325 -5.35 17.03 -25.37
N ALA B 326 -5.26 17.25 -26.69
CA ALA B 326 -6.35 17.89 -27.47
C ALA B 326 -7.66 17.08 -27.37
N ASP B 327 -7.56 15.78 -27.05
CA ASP B 327 -8.78 14.95 -26.95
C ASP B 327 -9.54 15.16 -25.63
N ILE B 328 -8.90 15.75 -24.62
CA ILE B 328 -9.51 15.71 -23.30
C ILE B 328 -10.60 16.79 -23.19
N ASP B 329 -11.80 16.39 -22.75
CA ASP B 329 -12.94 17.30 -22.58
C ASP B 329 -13.07 17.85 -21.18
N HIS B 330 -12.58 17.09 -20.21
CA HIS B 330 -12.97 17.34 -18.82
C HIS B 330 -11.86 16.90 -17.89
N VAL B 331 -11.55 17.71 -16.87
CA VAL B 331 -10.64 17.29 -15.78
C VAL B 331 -11.40 17.40 -14.47
N ASN B 332 -11.48 16.29 -13.75
CA ASN B 332 -11.96 16.32 -12.37
C ASN B 332 -10.77 16.58 -11.44
N ALA B 333 -10.67 17.82 -10.99
CA ALA B 333 -9.48 18.29 -10.29
C ALA B 333 -9.41 17.75 -8.87
N HIS B 334 -8.18 17.55 -8.41
CA HIS B 334 -8.01 17.21 -7.00
C HIS B 334 -8.47 18.41 -6.15
N GLY B 335 -8.18 19.63 -6.60
CA GLY B 335 -8.94 20.83 -6.16
C GLY B 335 -9.28 20.88 -4.67
N THR B 336 -8.25 20.97 -3.83
CA THR B 336 -8.46 20.93 -2.36
C THR B 336 -8.89 22.24 -1.69
N ALA B 337 -8.71 23.36 -2.39
CA ALA B 337 -9.01 24.71 -1.92
C ALA B 337 -7.90 25.27 -1.02
N THR B 338 -6.73 24.62 -1.00
CA THR B 338 -5.60 25.32 -0.38
C THR B 338 -5.05 26.33 -1.38
N PRO B 339 -4.47 27.44 -0.89
CA PRO B 339 -3.83 28.39 -1.80
C PRO B 339 -2.73 27.73 -2.65
N ILE B 340 -1.79 27.04 -2.02
CA ILE B 340 -0.69 26.54 -2.88
C ILE B 340 -1.06 25.28 -3.65
N GLY B 341 -2.00 24.49 -3.13
CA GLY B 341 -2.39 23.27 -3.84
C GLY B 341 -3.10 23.57 -5.17
N ASP B 342 -4.08 24.47 -5.15
CA ASP B 342 -4.82 24.71 -6.38
C ASP B 342 -3.90 25.39 -7.41
N ALA B 343 -2.99 26.26 -6.97
CA ALA B 343 -2.10 26.94 -7.93
C ALA B 343 -1.19 25.90 -8.62
N ALA B 344 -0.66 24.96 -7.85
CA ALA B 344 0.22 23.92 -8.41
C ALA B 344 -0.56 23.06 -9.40
N GLU B 345 -1.79 22.69 -9.04
CA GLU B 345 -2.61 21.86 -9.96
C GLU B 345 -2.95 22.58 -11.25
N ALA B 346 -3.26 23.88 -11.17
CA ALA B 346 -3.49 24.63 -12.42
C ALA B 346 -2.24 24.60 -13.27
N ASN B 347 -1.07 24.79 -12.64
CA ASN B 347 0.16 24.63 -13.43
C ASN B 347 0.26 23.22 -14.04
N ALA B 348 -0.09 22.19 -13.27
CA ALA B 348 0.04 20.81 -13.74
C ALA B 348 -0.83 20.56 -14.97
N ILE B 349 -2.04 21.09 -14.92
CA ILE B 349 -3.00 20.93 -16.03
C ILE B 349 -2.48 21.65 -17.28
N ARG B 350 -1.86 22.82 -17.10
CA ARG B 350 -1.13 23.48 -18.21
C ARG B 350 0.03 22.64 -18.76
N VAL B 351 0.86 22.08 -17.88
CA VAL B 351 2.00 21.25 -18.34
C VAL B 351 1.48 20.10 -19.21
N ALA B 352 0.38 19.46 -18.77
CA ALA B 352 -0.22 18.38 -19.53
C ALA B 352 -0.97 18.78 -20.78
N GLY B 353 -1.08 20.10 -21.02
CA GLY B 353 -1.84 20.54 -22.22
C GLY B 353 -3.35 20.31 -22.09
N CYS B 354 -3.86 20.21 -20.85
CA CYS B 354 -5.26 19.90 -20.60
C CYS B 354 -6.05 21.14 -20.12
N ASP B 355 -5.47 22.32 -20.28
CA ASP B 355 -6.06 23.52 -19.67
C ASP B 355 -7.17 24.13 -20.53
N GLN B 356 -7.46 23.53 -21.71
CA GLN B 356 -8.68 23.93 -22.42
C GLN B 356 -9.90 23.15 -21.96
N ALA B 357 -9.69 22.11 -21.13
CA ALA B 357 -10.78 21.23 -20.72
C ALA B 357 -11.73 21.89 -19.69
N ALA B 358 -12.98 21.43 -19.57
CA ALA B 358 -13.91 21.92 -18.52
C ALA B 358 -13.51 21.32 -17.16
N VAL B 359 -13.30 22.13 -16.10
CA VAL B 359 -12.77 21.60 -14.82
C VAL B 359 -13.88 21.58 -13.77
N TYR B 360 -13.95 20.50 -13.01
CA TYR B 360 -14.82 20.45 -11.83
C TYR B 360 -13.98 20.15 -10.58
N ALA B 361 -14.33 20.72 -9.42
CA ALA B 361 -13.61 20.47 -8.15
C ALA B 361 -14.63 20.00 -7.11
N PRO B 362 -14.92 18.68 -7.08
CA PRO B 362 -16.03 18.16 -6.26
C PRO B 362 -15.83 18.41 -4.76
N LYS B 363 -14.60 18.63 -4.30
CA LYS B 363 -14.41 18.90 -2.89
C LYS B 363 -15.15 20.18 -2.47
N SER B 364 -15.53 21.00 -3.45
CA SER B 364 -16.31 22.20 -3.12
C SER B 364 -17.64 21.85 -2.44
N ALA B 365 -18.18 20.66 -2.75
CA ALA B 365 -19.49 20.22 -2.30
C ALA B 365 -19.34 19.08 -1.29
N LEU B 366 -18.39 18.17 -1.52
CA LEU B 366 -18.27 16.91 -0.74
C LEU B 366 -17.13 16.92 0.28
N GLY B 367 -16.31 17.96 0.22
CA GLY B 367 -15.13 18.04 1.06
C GLY B 367 -14.13 16.91 0.75
N HIS B 368 -13.20 16.74 1.67
CA HIS B 368 -11.99 15.94 1.41
C HIS B 368 -12.11 14.68 2.25
N SER B 369 -12.14 13.51 1.61
CA SER B 369 -12.19 12.24 2.36
C SER B 369 -10.85 11.49 2.34
N ILE B 370 -9.76 12.22 2.11
CA ILE B 370 -8.40 11.68 2.38
C ILE B 370 -8.16 10.41 1.53
N GLY B 371 -8.01 9.23 2.15
CA GLY B 371 -7.72 8.01 1.39
C GLY B 371 -8.81 7.57 0.43
N ALA B 372 -10.05 7.94 0.72
CA ALA B 372 -11.16 7.53 -0.14
C ALA B 372 -11.34 8.51 -1.32
N VAL B 373 -10.82 9.73 -1.22
CA VAL B 373 -11.38 10.81 -2.07
C VAL B 373 -11.11 10.58 -3.57
N GLY B 374 -9.94 10.03 -3.92
CA GLY B 374 -9.66 9.82 -5.34
C GLY B 374 -10.60 8.78 -5.94
N ALA B 375 -11.01 7.80 -5.13
CA ALA B 375 -12.01 6.80 -5.62
C ALA B 375 -13.39 7.44 -5.83
N LEU B 376 -13.79 8.23 -4.84
CA LEU B 376 -15.09 8.93 -4.94
C LEU B 376 -15.03 9.78 -6.23
N GLU B 377 -13.95 10.55 -6.40
CA GLU B 377 -13.92 11.47 -7.55
C GLU B 377 -13.79 10.72 -8.90
N SER B 378 -13.23 9.52 -8.87
CA SER B 378 -13.25 8.65 -10.07
C SER B 378 -14.66 8.20 -10.39
N VAL B 379 -15.43 7.83 -9.37
CA VAL B 379 -16.86 7.50 -9.64
C VAL B 379 -17.59 8.71 -10.23
N LEU B 380 -17.39 9.90 -9.66
CA LEU B 380 -18.03 11.09 -10.22
C LEU B 380 -17.62 11.34 -11.69
N THR B 381 -16.36 11.08 -12.01
CA THR B 381 -15.86 11.24 -13.40
C THR B 381 -16.63 10.27 -14.32
N VAL B 382 -16.83 9.05 -13.84
CA VAL B 382 -17.59 8.05 -14.60
C VAL B 382 -19.01 8.58 -14.86
N LEU B 383 -19.64 9.13 -13.83
CA LEU B 383 -21.03 9.57 -14.00
C LEU B 383 -21.10 10.76 -14.93
N THR B 384 -20.14 11.70 -14.86
CA THR B 384 -20.07 12.80 -15.85
C THR B 384 -20.09 12.25 -17.28
N LEU B 385 -19.24 11.24 -17.51
CA LEU B 385 -19.18 10.66 -18.88
C LEU B 385 -20.47 9.95 -19.23
N ARG B 386 -21.01 9.20 -18.28
CA ARG B 386 -22.25 8.45 -18.59
C ARG B 386 -23.42 9.39 -18.92
N ASP B 387 -23.51 10.49 -18.17
CA ASP B 387 -24.72 11.34 -18.30
C ASP B 387 -24.52 12.62 -19.12
N GLY B 388 -23.27 12.92 -19.53
CA GLY B 388 -23.05 14.13 -20.31
C GLY B 388 -23.28 15.41 -19.52
N VAL B 389 -22.82 15.44 -18.28
CA VAL B 389 -23.03 16.63 -17.47
C VAL B 389 -21.96 16.75 -16.40
N ILE B 390 -21.54 17.99 -16.14
CA ILE B 390 -20.61 18.24 -15.04
C ILE B 390 -21.34 19.12 -14.01
N PRO B 391 -21.29 18.77 -12.70
CA PRO B 391 -21.91 19.64 -11.70
C PRO B 391 -21.12 20.94 -11.54
N PRO B 392 -21.78 21.96 -10.99
CA PRO B 392 -21.14 23.24 -10.72
C PRO B 392 -20.15 23.05 -9.57
N THR B 393 -18.99 23.70 -9.68
CA THR B 393 -18.06 23.83 -8.56
C THR B 393 -18.63 24.87 -7.60
N LEU B 394 -18.96 24.49 -6.37
CA LEU B 394 -19.63 25.40 -5.48
C LEU B 394 -18.62 26.45 -5.04
N ASN B 395 -19.17 27.64 -4.78
CA ASN B 395 -18.40 28.69 -4.10
C ASN B 395 -17.38 29.37 -4.99
N TYR B 396 -17.48 29.11 -6.29
CA TYR B 396 -16.52 29.66 -7.23
C TYR B 396 -17.07 31.00 -7.70
N GLU B 397 -16.59 32.10 -7.07
CA GLU B 397 -17.23 33.42 -7.17
C GLU B 397 -16.28 34.46 -7.73
N THR B 398 -14.99 34.32 -7.41
CA THR B 398 -13.99 35.29 -7.86
C THR B 398 -12.84 34.52 -8.56
N PRO B 399 -12.76 34.56 -9.90
CA PRO B 399 -11.62 33.88 -10.56
C PRO B 399 -10.29 34.42 -10.06
N ASP B 400 -9.32 33.53 -9.93
CA ASP B 400 -7.96 33.83 -9.52
C ASP B 400 -7.08 33.85 -10.78
N PRO B 401 -6.46 35.00 -11.12
CA PRO B 401 -5.67 35.06 -12.39
C PRO B 401 -4.56 34.01 -12.53
N GLU B 402 -3.96 33.58 -11.42
CA GLU B 402 -2.94 32.54 -11.35
CA GLU B 402 -2.91 32.57 -11.52
C GLU B 402 -3.48 31.16 -11.79
N ILE B 403 -4.81 31.02 -11.84
N ILE B 403 -4.76 31.02 -11.50
CA ILE B 403 -5.41 29.70 -12.08
CA ILE B 403 -5.56 29.91 -11.98
C ILE B 403 -5.78 29.54 -13.58
C ILE B 403 -6.24 30.47 -13.23
N ASP B 404 -6.55 30.51 -14.09
N ASP B 404 -5.94 29.89 -14.39
CA ASP B 404 -6.91 30.65 -15.52
CA ASP B 404 -6.57 30.38 -15.61
C ASP B 404 -7.33 29.29 -16.11
C ASP B 404 -7.37 29.24 -16.22
N LEU B 405 -8.32 28.70 -15.46
CA LEU B 405 -8.96 27.46 -15.89
C LEU B 405 -10.42 27.73 -16.17
N ASP B 406 -11.01 26.91 -17.03
CA ASP B 406 -12.46 26.92 -17.25
C ASP B 406 -13.13 26.10 -16.14
N VAL B 407 -13.38 26.73 -14.99
CA VAL B 407 -14.02 26.06 -13.86
C VAL B 407 -15.54 26.10 -14.06
N VAL B 408 -16.14 24.93 -14.13
CA VAL B 408 -17.60 24.86 -14.32
C VAL B 408 -18.25 25.37 -13.05
N ALA B 409 -19.18 26.32 -13.13
CA ALA B 409 -19.73 26.91 -11.90
C ALA B 409 -21.10 27.46 -12.23
N GLY B 410 -21.88 27.72 -11.16
CA GLY B 410 -23.15 28.43 -11.29
C GLY B 410 -24.28 27.45 -11.57
N GLU B 411 -24.16 26.67 -12.63
CA GLU B 411 -25.16 25.66 -12.98
CA GLU B 411 -25.17 25.67 -12.98
C GLU B 411 -24.45 24.44 -13.57
N PRO B 412 -25.08 23.26 -13.54
CA PRO B 412 -24.43 22.13 -14.24
C PRO B 412 -24.21 22.43 -15.71
N ARG B 413 -23.10 21.93 -16.25
CA ARG B 413 -22.83 22.09 -17.68
C ARG B 413 -23.03 20.80 -18.48
N TYR B 414 -23.94 20.80 -19.45
CA TYR B 414 -24.22 19.63 -20.28
C TYR B 414 -23.29 19.64 -21.47
N GLY B 415 -22.88 18.46 -21.93
CA GLY B 415 -22.10 18.38 -23.16
C GLY B 415 -21.83 16.94 -23.52
N ASP B 416 -21.34 16.74 -24.72
CA ASP B 416 -21.07 15.39 -25.19
C ASP B 416 -19.64 15.01 -24.78
N TYR B 417 -19.41 14.82 -23.47
CA TYR B 417 -18.05 14.53 -22.99
C TYR B 417 -17.63 13.11 -23.43
N ARG B 418 -16.43 13.01 -24.00
CA ARG B 418 -15.93 11.70 -24.45
CA ARG B 418 -15.87 11.75 -24.49
C ARG B 418 -14.74 11.24 -23.62
N TYR B 419 -13.86 12.16 -23.22
CA TYR B 419 -12.66 11.77 -22.49
C TYR B 419 -12.42 12.69 -21.31
N ALA B 420 -12.03 12.10 -20.18
CA ALA B 420 -11.86 12.91 -18.96
C ALA B 420 -10.66 12.39 -18.21
N VAL B 421 -9.96 13.27 -17.49
CA VAL B 421 -8.88 12.86 -16.56
C VAL B 421 -9.28 13.21 -15.14
N ASN B 422 -9.17 12.22 -14.23
CA ASN B 422 -9.32 12.50 -12.80
C ASN B 422 -7.94 12.59 -12.16
N ASN B 423 -7.71 13.66 -11.41
CA ASN B 423 -6.42 13.93 -10.79
C ASN B 423 -6.53 13.70 -9.28
N SER B 424 -5.49 13.14 -8.67
CA SER B 424 -5.41 13.03 -7.20
CA SER B 424 -5.42 13.02 -7.22
C SER B 424 -3.95 13.15 -6.82
N PHE B 425 -3.68 13.87 -5.73
CA PHE B 425 -2.30 14.02 -5.23
C PHE B 425 -2.24 13.71 -3.76
N GLY B 426 -1.06 13.40 -3.24
CA GLY B 426 -1.02 13.03 -1.84
C GLY B 426 0.24 13.54 -1.15
N PHE B 427 0.14 13.79 0.15
CA PHE B 427 1.36 14.00 0.94
C PHE B 427 2.41 12.97 0.60
N GLY B 428 3.68 13.40 0.57
CA GLY B 428 4.81 12.57 0.14
C GLY B 428 5.15 12.98 -1.31
N GLY B 429 4.25 13.67 -2.00
CA GLY B 429 4.54 14.12 -3.37
C GLY B 429 3.97 13.14 -4.43
N HIS B 430 2.92 12.40 -4.07
CA HIS B 430 2.41 11.37 -5.01
C HIS B 430 1.48 12.00 -6.00
N ASN B 431 1.59 11.63 -7.29
CA ASN B 431 0.64 12.14 -8.30
C ASN B 431 -0.02 11.00 -9.03
N VAL B 432 -1.34 10.98 -9.09
CA VAL B 432 -2.02 9.88 -9.82
C VAL B 432 -3.06 10.45 -10.78
N ALA B 433 -3.03 10.05 -12.04
CA ALA B 433 -4.04 10.55 -12.97
C ALA B 433 -4.69 9.31 -13.58
N LEU B 434 -6.00 9.37 -13.75
CA LEU B 434 -6.70 8.28 -14.43
C LEU B 434 -7.42 8.86 -15.64
N ALA B 435 -7.29 8.17 -16.77
CA ALA B 435 -7.96 8.60 -17.99
C ALA B 435 -9.19 7.72 -18.26
N PHE B 436 -10.38 8.32 -18.27
CA PHE B 436 -11.66 7.62 -18.49
C PHE B 436 -12.23 8.06 -19.84
N GLY B 437 -13.02 7.17 -20.44
CA GLY B 437 -13.78 7.50 -21.65
C GLY B 437 -15.24 7.08 -21.59
N ARG B 438 -16.07 7.82 -22.32
CA ARG B 438 -17.47 7.46 -22.42
C ARG B 438 -17.57 6.11 -23.15
N TYR B 439 -18.50 5.29 -22.69
CA TYR B 439 -18.71 4.03 -23.33
C TYR B 439 -19.66 4.23 -24.51
#